data_5DJB
#
_entry.id   5DJB
#
_cell.length_a   69.200
_cell.length_b   69.200
_cell.length_c   120.418
_cell.angle_alpha   90.00
_cell.angle_beta   90.00
_cell.angle_gamma   120.00
#
_symmetry.space_group_name_H-M   'P 3'
#
loop_
_entity.id
_entity.type
_entity.pdbx_description
1 polymer 'Microcompartments protein'
2 water water
#
_entity_poly.entity_id   1
_entity_poly.type   'polypeptide(L)'
_entity_poly.pdbx_seq_one_letter_code
;MADALGMIEVRGFVGMVEAADAMVKAAKVELIGYEKTGGGYVTAVVRGDVAAVKAATEAGQRAAERVGEVVAVHVIPRPH
VNVDAALPLGRTPGMDKSA
;
_entity_poly.pdbx_strand_id   A,B,C,D,E,F,G,H
#
# COMPACT_ATOMS: atom_id res chain seq x y z
N ALA A 2 7.07 56.60 6.28
CA ALA A 2 7.94 55.75 7.09
C ALA A 2 8.34 54.50 6.32
N ASP A 3 9.52 53.99 6.61
CA ASP A 3 10.01 52.76 5.99
C ASP A 3 9.09 51.60 6.33
N ALA A 4 9.08 50.57 5.49
CA ALA A 4 8.30 49.38 5.75
C ALA A 4 8.82 48.66 6.98
N LEU A 5 7.99 47.79 7.54
CA LEU A 5 8.28 47.09 8.78
C LEU A 5 8.24 45.57 8.61
N GLY A 6 9.33 44.92 9.00
CA GLY A 6 9.44 43.47 8.94
C GLY A 6 9.71 42.90 10.32
N MET A 7 9.03 41.79 10.64
CA MET A 7 9.13 41.20 11.97
C MET A 7 9.17 39.67 11.89
N ILE A 8 10.12 39.08 12.60
CA ILE A 8 10.21 37.63 12.72
C ILE A 8 10.23 37.26 14.19
N GLU A 9 9.16 36.60 14.63
CA GLU A 9 9.05 36.18 16.03
C GLU A 9 9.37 34.70 16.16
N VAL A 10 10.21 34.38 17.15
CA VAL A 10 10.67 33.03 17.38
C VAL A 10 10.65 32.75 18.88
N ARG A 11 10.16 31.58 19.27
CA ARG A 11 10.30 31.13 20.65
C ARG A 11 11.66 30.47 20.80
N GLY A 12 12.70 31.31 20.76
CA GLY A 12 14.06 30.85 20.79
C GLY A 12 14.98 31.98 20.34
N PHE A 13 15.94 32.33 21.18
CA PHE A 13 16.86 33.43 20.89
C PHE A 13 17.76 33.12 19.69
N VAL A 14 18.24 31.88 19.61
CA VAL A 14 19.16 31.48 18.55
C VAL A 14 18.51 31.59 17.17
N GLY A 15 17.28 31.10 17.07
CA GLY A 15 16.54 31.16 15.81
C GLY A 15 16.21 32.60 15.42
N MET A 16 15.98 33.44 16.42
CA MET A 16 15.69 34.84 16.18
C MET A 16 16.93 35.57 15.66
N VAL A 17 18.07 35.21 16.22
CA VAL A 17 19.35 35.76 15.79
C VAL A 17 19.65 35.36 14.35
N GLU A 18 19.36 34.12 13.99
CA GLU A 18 19.58 33.64 12.62
C GLU A 18 18.62 34.34 11.65
N ALA A 19 17.40 34.59 12.11
CA ALA A 19 16.44 35.37 11.32
C ALA A 19 16.97 36.76 11.05
N ALA A 20 17.44 37.41 12.11
CA ALA A 20 17.95 38.77 12.01
C ALA A 20 19.16 38.87 11.07
N ASP A 21 20.08 37.92 11.21
CA ASP A 21 21.29 37.89 10.40
C ASP A 21 20.96 37.70 8.92
N ALA A 22 20.05 36.79 8.64
CA ALA A 22 19.65 36.50 7.27
C ALA A 22 18.93 37.69 6.63
N MET A 23 18.14 38.40 7.42
CA MET A 23 17.38 39.54 6.91
C MET A 23 18.27 40.69 6.45
N VAL A 24 19.22 41.09 7.28
CA VAL A 24 20.08 42.23 6.97
C VAL A 24 21.09 41.88 5.87
N LYS A 25 21.30 40.58 5.64
CA LYS A 25 22.21 40.11 4.60
C LYS A 25 21.50 40.02 3.25
N ALA A 26 20.18 39.84 3.27
CA ALA A 26 19.42 39.58 2.05
C ALA A 26 19.05 40.87 1.32
N ALA A 27 18.85 41.95 2.07
CA ALA A 27 18.36 43.19 1.49
C ALA A 27 18.80 44.42 2.29
N LYS A 28 18.48 45.60 1.75
CA LYS A 28 18.82 46.85 2.40
C LYS A 28 17.83 47.19 3.51
N VAL A 29 17.96 46.51 4.63
CA VAL A 29 17.11 46.76 5.79
C VAL A 29 17.98 46.88 7.04
N GLU A 30 17.51 47.64 8.03
CA GLU A 30 18.24 47.83 9.28
C GLU A 30 17.59 47.05 10.43
N LEU A 31 18.35 46.14 11.03
CA LEU A 31 17.92 45.53 12.27
C LEU A 31 18.00 46.59 13.38
N ILE A 32 16.85 47.06 13.83
CA ILE A 32 16.79 48.17 14.78
C ILE A 32 16.87 47.68 16.23
N GLY A 33 16.62 46.39 16.44
CA GLY A 33 16.65 45.82 17.77
C GLY A 33 15.80 44.56 17.84
N TYR A 34 15.53 44.10 19.06
CA TYR A 34 14.67 42.95 19.26
C TYR A 34 13.80 43.12 20.49
N GLU A 35 12.57 42.62 20.40
CA GLU A 35 11.59 42.78 21.47
C GLU A 35 11.51 41.48 22.28
N LYS A 36 11.59 41.63 23.60
CA LYS A 36 11.51 40.49 24.51
C LYS A 36 10.18 40.51 25.27
N THR A 37 9.35 39.49 25.06
CA THR A 37 8.03 39.44 25.67
C THR A 37 7.88 38.31 26.68
N GLY A 38 9.01 37.71 27.06
CA GLY A 38 9.01 36.65 28.05
C GLY A 38 8.57 35.30 27.49
N GLY A 39 8.63 34.27 28.33
CA GLY A 39 8.21 32.94 27.93
C GLY A 39 9.05 32.34 26.82
N GLY A 40 10.22 32.94 26.58
CA GLY A 40 11.10 32.47 25.52
C GLY A 40 10.82 33.14 24.19
N TYR A 41 9.81 34.01 24.16
CA TYR A 41 9.42 34.70 22.93
C TYR A 41 10.27 35.95 22.68
N VAL A 42 10.85 36.03 21.48
CA VAL A 42 11.61 37.19 21.05
C VAL A 42 11.31 37.50 19.59
N THR A 43 11.39 38.78 19.23
CA THR A 43 11.05 39.23 17.87
C THR A 43 12.14 40.12 17.29
N ALA A 44 12.63 39.74 16.11
CA ALA A 44 13.58 40.56 15.36
C ALA A 44 12.81 41.55 14.49
N VAL A 45 13.22 42.82 14.53
CA VAL A 45 12.55 43.88 13.78
C VAL A 45 13.49 44.57 12.80
N VAL A 46 13.13 44.56 11.52
CA VAL A 46 13.91 45.23 10.49
C VAL A 46 13.05 46.23 9.71
N ARG A 47 13.70 47.30 9.25
CA ARG A 47 13.01 48.32 8.47
C ARG A 47 13.80 48.76 7.24
N GLY A 48 13.06 49.14 6.21
CA GLY A 48 13.63 49.55 4.94
C GLY A 48 12.50 49.76 3.95
N ASP A 49 12.83 49.87 2.67
CA ASP A 49 11.82 50.04 1.64
C ASP A 49 11.00 48.75 1.53
N VAL A 50 9.78 48.88 0.99
CA VAL A 50 8.84 47.77 0.95
C VAL A 50 9.43 46.54 0.27
N ALA A 51 10.12 46.76 -0.84
CA ALA A 51 10.71 45.65 -1.60
C ALA A 51 11.82 44.98 -0.81
N ALA A 52 12.62 45.78 -0.11
CA ALA A 52 13.76 45.28 0.65
C ALA A 52 13.29 44.48 1.86
N VAL A 53 12.28 45.00 2.55
CA VAL A 53 11.76 44.35 3.75
C VAL A 53 11.05 43.06 3.36
N LYS A 54 10.47 43.03 2.17
CA LYS A 54 9.78 41.84 1.70
C LYS A 54 10.79 40.73 1.40
N ALA A 55 11.88 41.08 0.74
CA ALA A 55 12.92 40.11 0.41
C ALA A 55 13.65 39.61 1.66
N ALA A 56 13.87 40.51 2.61
CA ALA A 56 14.57 40.16 3.84
C ALA A 56 13.72 39.20 4.68
N THR A 57 12.45 39.54 4.85
CA THR A 57 11.55 38.77 5.69
C THR A 57 11.40 37.35 5.17
N GLU A 58 11.36 37.20 3.85
CA GLU A 58 11.21 35.90 3.23
C GLU A 58 12.45 35.03 3.46
N ALA A 59 13.62 35.65 3.42
CA ALA A 59 14.87 34.96 3.66
C ALA A 59 15.07 34.66 5.14
N GLY A 60 14.60 35.56 5.99
CA GLY A 60 14.69 35.38 7.42
C GLY A 60 13.84 34.21 7.88
N GLN A 61 12.65 34.10 7.31
CA GLN A 61 11.75 32.99 7.63
C GLN A 61 12.32 31.65 7.21
N ARG A 62 12.86 31.57 5.99
CA ARG A 62 13.39 30.31 5.46
C ARG A 62 14.51 29.75 6.33
N ALA A 63 15.46 30.62 6.70
CA ALA A 63 16.64 30.21 7.45
C ALA A 63 16.35 29.94 8.93
N ALA A 64 15.49 30.76 9.54
CA ALA A 64 15.15 30.61 10.96
C ALA A 64 14.39 29.32 11.20
N GLU A 65 13.57 28.92 10.24
CA GLU A 65 12.75 27.72 10.35
C GLU A 65 13.60 26.46 10.47
N ARG A 66 14.84 26.52 9.99
CA ARG A 66 15.75 25.39 10.06
C ARG A 66 16.42 25.23 11.43
N VAL A 67 16.36 26.28 12.24
CA VAL A 67 17.13 26.33 13.49
C VAL A 67 16.28 26.46 14.76
N GLY A 68 15.12 27.10 14.64
CA GLY A 68 14.29 27.39 15.80
C GLY A 68 12.80 27.26 15.57
N GLU A 69 12.02 27.66 16.58
CA GLU A 69 10.56 27.61 16.50
C GLU A 69 9.99 28.97 16.11
N VAL A 70 9.72 29.15 14.82
CA VAL A 70 9.17 30.42 14.35
C VAL A 70 7.70 30.53 14.78
N VAL A 71 7.37 31.64 15.42
CA VAL A 71 6.03 31.88 15.93
C VAL A 71 5.21 32.63 14.89
N ALA A 72 5.77 33.73 14.39
CA ALA A 72 5.07 34.57 13.41
C ALA A 72 6.04 35.29 12.47
N VAL A 73 5.59 35.50 11.25
CA VAL A 73 6.32 36.28 10.24
C VAL A 73 5.35 37.21 9.53
N HIS A 74 5.66 38.50 9.50
CA HIS A 74 4.76 39.48 8.91
C HIS A 74 5.48 40.74 8.44
N VAL A 75 4.93 41.37 7.40
CA VAL A 75 5.44 42.63 6.89
C VAL A 75 4.34 43.69 6.85
N ILE A 76 4.66 44.88 7.34
CA ILE A 76 3.77 46.04 7.25
C ILE A 76 4.41 47.12 6.37
N PRO A 77 3.96 47.24 5.11
CA PRO A 77 4.56 48.21 4.17
C PRO A 77 4.56 49.67 4.64
N ARG A 78 3.45 50.13 5.20
CA ARG A 78 3.30 51.53 5.61
C ARG A 78 2.72 51.63 7.02
N PRO A 79 3.55 51.38 8.05
CA PRO A 79 3.04 51.41 9.43
C PRO A 79 2.50 52.79 9.82
N HIS A 80 1.39 52.80 10.54
CA HIS A 80 0.75 54.02 10.98
C HIS A 80 1.67 54.80 11.91
N VAL A 81 1.61 56.12 11.84
CA VAL A 81 2.49 56.97 12.63
C VAL A 81 2.31 56.73 14.12
N ASN A 82 1.09 56.40 14.53
CA ASN A 82 0.77 56.11 15.92
C ASN A 82 1.48 54.83 16.38
N VAL A 83 1.61 53.86 15.49
CA VAL A 83 2.30 52.61 15.80
C VAL A 83 3.78 52.86 16.07
N ASP A 84 4.42 53.65 15.22
CA ASP A 84 5.83 53.95 15.36
C ASP A 84 6.11 54.82 16.59
N ALA A 85 5.11 55.58 17.02
CA ALA A 85 5.26 56.47 18.16
C ALA A 85 5.02 55.74 19.48
N ALA A 86 4.08 54.80 19.47
CA ALA A 86 3.65 54.12 20.69
C ALA A 86 4.38 52.80 20.93
N LEU A 87 4.90 52.21 19.86
CA LEU A 87 5.56 50.91 19.95
C LEU A 87 7.04 51.03 19.60
N PRO A 88 7.90 50.19 20.22
CA PRO A 88 9.35 50.28 19.99
C PRO A 88 9.82 49.60 18.70
N LEU A 89 9.59 50.24 17.56
CA LEU A 89 9.94 49.64 16.26
C LEU A 89 11.08 50.38 15.55
N GLY A 90 11.72 51.32 16.24
CA GLY A 90 12.96 51.90 15.75
C GLY A 90 12.84 53.08 14.79
N ARG A 91 11.64 53.61 14.63
CA ARG A 91 11.44 54.79 13.79
C ARG A 91 10.47 55.75 14.45
N THR A 92 10.89 56.29 15.60
CA THR A 92 10.09 57.26 16.32
C THR A 92 9.85 58.48 15.42
N PRO A 93 8.57 58.83 15.19
CA PRO A 93 8.28 60.03 14.38
C PRO A 93 8.88 61.28 14.98
N GLY A 94 9.59 62.05 14.16
CA GLY A 94 10.25 63.26 14.61
C GLY A 94 11.75 63.08 14.75
N MET A 95 12.19 61.83 14.81
CA MET A 95 13.62 61.53 14.91
C MET A 95 14.25 61.56 13.52
N ASP A 96 14.43 62.76 13.00
CA ASP A 96 14.93 62.94 11.64
C ASP A 96 15.57 64.33 11.50
N LYS A 97 16.77 64.36 10.95
CA LYS A 97 17.52 65.60 10.79
C LYS A 97 16.85 66.56 9.81
N SER A 98 16.13 66.00 8.84
CA SER A 98 15.45 66.82 7.83
C SER A 98 14.12 67.35 8.34
N ALA A 99 13.58 66.72 9.38
CA ALA A 99 12.33 67.15 10.00
C ALA A 99 12.34 68.65 10.32
N ALA B 2 34.72 39.92 11.63
CA ALA B 2 34.15 39.63 12.93
C ALA B 2 34.29 38.15 13.26
N ASP B 3 34.44 37.84 14.55
CA ASP B 3 34.51 36.45 14.98
C ASP B 3 33.24 35.70 14.63
N ALA B 4 33.36 34.39 14.47
CA ALA B 4 32.20 33.54 14.25
C ALA B 4 31.37 33.52 15.54
N LEU B 5 30.11 33.12 15.42
CA LEU B 5 29.18 33.16 16.55
C LEU B 5 28.63 31.76 16.84
N GLY B 6 28.76 31.33 18.10
CA GLY B 6 28.26 30.04 18.53
C GLY B 6 27.21 30.17 19.62
N MET B 7 26.15 29.39 19.51
CA MET B 7 25.03 29.49 20.46
C MET B 7 24.42 28.14 20.82
N ILE B 8 24.22 27.94 22.12
CA ILE B 8 23.51 26.77 22.63
C ILE B 8 22.36 27.25 23.51
N GLU B 9 21.14 27.04 23.04
CA GLU B 9 19.95 27.46 23.80
C GLU B 9 19.33 26.27 24.51
N VAL B 10 19.03 26.46 25.79
CA VAL B 10 18.49 25.41 26.63
C VAL B 10 17.38 25.95 27.54
N ARG B 11 16.30 25.19 27.66
CA ARG B 11 15.29 25.51 28.66
C ARG B 11 15.75 24.92 29.98
N GLY B 12 16.76 25.56 30.56
CA GLY B 12 17.38 25.08 31.78
C GLY B 12 18.74 25.73 31.98
N PHE B 13 18.92 26.38 33.12
CA PHE B 13 20.17 27.09 33.40
C PHE B 13 21.34 26.12 33.51
N VAL B 14 21.10 24.98 34.15
CA VAL B 14 22.15 23.99 34.39
C VAL B 14 22.69 23.43 33.07
N GLY B 15 21.80 23.11 32.14
CA GLY B 15 22.20 22.58 30.85
C GLY B 15 22.97 23.61 30.03
N MET B 16 22.60 24.87 30.18
CA MET B 16 23.28 25.96 29.48
C MET B 16 24.67 26.18 30.06
N VAL B 17 24.79 26.07 31.38
CA VAL B 17 26.08 26.20 32.05
C VAL B 17 27.03 25.11 31.61
N GLU B 18 26.52 23.89 31.46
CA GLU B 18 27.34 22.77 31.01
C GLU B 18 27.74 22.96 29.55
N ALA B 19 26.83 23.50 28.75
CA ALA B 19 27.13 23.83 27.36
C ALA B 19 28.27 24.83 27.28
N ALA B 20 28.13 25.91 28.04
CA ALA B 20 29.10 26.99 28.06
C ALA B 20 30.47 26.49 28.52
N ASP B 21 30.47 25.67 29.56
CA ASP B 21 31.70 25.12 30.09
C ASP B 21 32.40 24.25 29.06
N ALA B 22 31.62 23.42 28.38
CA ALA B 22 32.15 22.51 27.37
C ALA B 22 32.72 23.26 26.15
N MET B 23 32.07 24.35 25.76
CA MET B 23 32.51 25.12 24.59
C MET B 23 33.89 25.75 24.79
N VAL B 24 34.08 26.43 25.91
CA VAL B 24 35.33 27.13 26.15
C VAL B 24 36.46 26.16 26.45
N LYS B 25 36.10 24.92 26.80
CA LYS B 25 37.08 23.86 27.04
C LYS B 25 37.46 23.13 25.76
N ALA B 26 36.57 23.14 24.78
CA ALA B 26 36.76 22.35 23.57
C ALA B 26 37.62 23.10 22.54
N ALA B 27 37.55 24.43 22.56
CA ALA B 27 38.26 25.23 21.56
C ALA B 27 38.60 26.61 22.08
N LYS B 28 39.37 27.35 21.27
CA LYS B 28 39.78 28.70 21.63
C LYS B 28 38.67 29.70 21.32
N VAL B 29 37.65 29.71 22.17
CA VAL B 29 36.51 30.61 22.03
C VAL B 29 36.23 31.32 23.35
N GLU B 30 35.66 32.52 23.27
CA GLU B 30 35.33 33.28 24.46
C GLU B 30 33.82 33.25 24.73
N LEU B 31 33.44 32.73 25.90
CA LEU B 31 32.09 32.85 26.39
C LEU B 31 31.85 34.31 26.77
N ILE B 32 31.07 35.02 25.96
CA ILE B 32 30.89 36.46 26.15
C ILE B 32 29.76 36.79 27.13
N GLY B 33 28.89 35.82 27.38
CA GLY B 33 27.77 36.02 28.28
C GLY B 33 26.62 35.08 27.97
N TYR B 34 25.46 35.34 28.56
CA TYR B 34 24.28 34.53 28.29
C TYR B 34 23.02 35.40 28.26
N GLU B 35 22.10 35.02 27.38
CA GLU B 35 20.86 35.77 27.17
C GLU B 35 19.70 35.10 27.89
N LYS B 36 18.94 35.90 28.63
CA LYS B 36 17.76 35.41 29.35
C LYS B 36 16.50 35.93 28.67
N THR B 37 15.68 35.02 28.17
CA THR B 37 14.46 35.38 27.44
C THR B 37 13.20 34.95 28.20
N GLY B 38 13.36 34.57 29.45
CA GLY B 38 12.22 34.19 30.28
C GLY B 38 11.72 32.79 29.96
N GLY B 39 10.74 32.34 30.73
CA GLY B 39 10.14 31.04 30.51
C GLY B 39 11.11 29.90 30.72
N GLY B 40 12.25 30.20 31.36
CA GLY B 40 13.27 29.20 31.61
C GLY B 40 14.28 29.09 30.49
N TYR B 41 14.10 29.87 29.43
CA TYR B 41 14.98 29.83 28.27
C TYR B 41 16.23 30.69 28.45
N VAL B 42 17.40 30.08 28.24
CA VAL B 42 18.68 30.79 28.29
C VAL B 42 19.61 30.31 27.18
N THR B 43 20.47 31.22 26.70
CA THR B 43 21.38 30.92 25.59
C THR B 43 22.81 31.29 25.95
N ALA B 44 23.72 30.32 25.80
CA ALA B 44 25.14 30.57 25.97
C ALA B 44 25.74 31.08 24.67
N VAL B 45 26.53 32.14 24.76
CA VAL B 45 27.10 32.79 23.58
C VAL B 45 28.63 32.77 23.61
N VAL B 46 29.23 32.21 22.56
CA VAL B 46 30.68 32.17 22.44
C VAL B 46 31.14 32.81 21.13
N ARG B 47 32.33 33.39 21.14
CA ARG B 47 32.91 34.01 19.94
C ARG B 47 34.35 33.54 19.75
N GLY B 48 34.75 33.40 18.49
CA GLY B 48 36.08 32.95 18.15
C GLY B 48 36.16 32.69 16.66
N ASP B 49 37.25 32.05 16.21
CA ASP B 49 37.38 31.72 14.79
C ASP B 49 36.36 30.65 14.40
N VAL B 50 36.01 30.62 13.12
CA VAL B 50 34.95 29.74 12.62
C VAL B 50 35.22 28.27 12.97
N ALA B 51 36.46 27.84 12.82
CA ALA B 51 36.82 26.45 13.11
C ALA B 51 36.64 26.15 14.61
N ALA B 52 37.01 27.12 15.44
CA ALA B 52 36.97 26.95 16.89
C ALA B 52 35.53 26.90 17.41
N VAL B 53 34.68 27.79 16.92
CA VAL B 53 33.30 27.84 17.39
C VAL B 53 32.52 26.61 16.94
N LYS B 54 32.87 26.07 15.78
CA LYS B 54 32.21 24.88 15.27
C LYS B 54 32.54 23.69 16.15
N ALA B 55 33.82 23.61 16.54
CA ALA B 55 34.27 22.53 17.41
C ALA B 55 33.65 22.68 18.80
N ALA B 56 33.49 23.91 19.24
CA ALA B 56 32.93 24.19 20.55
C ALA B 56 31.45 23.80 20.65
N THR B 57 30.65 24.22 19.66
CA THR B 57 29.22 23.99 19.69
C THR B 57 28.84 22.52 19.66
N GLU B 58 29.56 21.73 18.86
CA GLU B 58 29.25 20.31 18.73
C GLU B 58 29.55 19.60 20.04
N ALA B 59 30.58 20.06 20.75
CA ALA B 59 30.92 19.50 22.05
C ALA B 59 29.94 20.00 23.11
N GLY B 60 29.48 21.24 22.95
CA GLY B 60 28.51 21.83 23.86
C GLY B 60 27.16 21.16 23.76
N GLN B 61 26.73 20.89 22.53
CA GLN B 61 25.47 20.21 22.30
C GLN B 61 25.54 18.83 22.93
N ARG B 62 26.66 18.14 22.70
CA ARG B 62 26.88 16.81 23.24
C ARG B 62 26.80 16.81 24.77
N ALA B 63 27.43 17.79 25.40
CA ALA B 63 27.50 17.86 26.85
C ALA B 63 26.17 18.32 27.46
N ALA B 64 25.53 19.30 26.83
CA ALA B 64 24.27 19.83 27.32
C ALA B 64 23.15 18.79 27.22
N GLU B 65 23.20 17.99 26.17
CA GLU B 65 22.17 16.98 25.94
C GLU B 65 22.14 15.92 27.02
N ARG B 66 23.26 15.72 27.70
CA ARG B 66 23.36 14.72 28.76
C ARG B 66 22.75 15.23 30.06
N VAL B 67 22.53 16.54 30.15
CA VAL B 67 22.10 17.17 31.40
C VAL B 67 20.72 17.83 31.26
N GLY B 68 20.41 18.34 30.06
CA GLY B 68 19.18 19.08 29.87
C GLY B 68 18.52 18.88 28.51
N GLU B 69 17.47 19.67 28.28
CA GLU B 69 16.73 19.66 27.02
C GLU B 69 17.20 20.81 26.14
N VAL B 70 18.10 20.53 25.20
CA VAL B 70 18.63 21.56 24.32
C VAL B 70 17.57 22.03 23.32
N VAL B 71 17.40 23.35 23.26
CA VAL B 71 16.38 23.95 22.40
C VAL B 71 16.92 24.22 21.00
N ALA B 72 18.08 24.86 20.92
CA ALA B 72 18.68 25.18 19.63
C ALA B 72 20.21 25.22 19.72
N VAL B 73 20.83 24.85 18.62
CA VAL B 73 22.28 24.93 18.46
C VAL B 73 22.58 25.46 17.06
N HIS B 74 23.36 26.53 16.98
CA HIS B 74 23.62 27.16 15.70
C HIS B 74 24.94 27.92 15.68
N VAL B 75 25.56 27.96 14.50
CA VAL B 75 26.78 28.72 14.28
C VAL B 75 26.60 29.68 13.11
N ILE B 76 27.02 30.93 13.31
CA ILE B 76 27.06 31.91 12.23
C ILE B 76 28.53 32.31 12.02
N PRO B 77 29.18 31.77 10.97
CA PRO B 77 30.59 32.04 10.70
C PRO B 77 30.94 33.52 10.54
N ARG B 78 30.13 34.26 9.79
CA ARG B 78 30.40 35.67 9.49
C ARG B 78 29.18 36.53 9.77
N PRO B 79 28.91 36.79 11.07
CA PRO B 79 27.71 37.58 11.42
C PRO B 79 27.76 39.01 10.89
N HIS B 80 26.61 39.49 10.42
CA HIS B 80 26.49 40.84 9.88
C HIS B 80 26.74 41.89 10.95
N VAL B 81 27.36 43.00 10.57
CA VAL B 81 27.75 44.04 11.52
C VAL B 81 26.54 44.64 12.23
N ASN B 82 25.39 44.70 11.56
CA ASN B 82 24.17 45.24 12.15
C ASN B 82 23.70 44.36 13.31
N VAL B 83 23.91 43.06 13.15
CA VAL B 83 23.54 42.10 14.20
C VAL B 83 24.39 42.31 15.44
N ASP B 84 25.69 42.47 15.27
CA ASP B 84 26.59 42.68 16.40
C ASP B 84 26.35 44.04 17.05
N ALA B 85 25.80 44.97 16.29
CA ALA B 85 25.55 46.32 16.78
C ALA B 85 24.22 46.39 17.55
N ALA B 86 23.22 45.65 17.08
CA ALA B 86 21.87 45.73 17.62
C ALA B 86 21.57 44.67 18.68
N LEU B 87 22.33 43.58 18.65
CA LEU B 87 22.11 42.46 19.56
C LEU B 87 23.31 42.27 20.50
N PRO B 88 23.08 41.79 21.73
CA PRO B 88 24.15 41.64 22.72
C PRO B 88 24.99 40.37 22.56
N LEU B 89 25.92 40.37 21.59
CA LEU B 89 26.71 39.17 21.30
C LEU B 89 28.19 39.31 21.65
N GLY B 90 28.55 40.39 22.32
CA GLY B 90 29.87 40.50 22.90
C GLY B 90 30.93 41.00 21.93
N ARG B 91 30.50 41.46 20.76
CA ARG B 91 31.42 42.00 19.77
C ARG B 91 30.83 43.24 19.13
N THR B 92 30.63 44.27 19.96
CA THR B 92 30.12 45.54 19.48
C THR B 92 31.10 46.17 18.48
N PRO B 93 30.64 46.47 17.25
CA PRO B 93 31.51 47.12 16.28
C PRO B 93 32.04 48.47 16.77
N GLY B 94 33.35 48.67 16.68
CA GLY B 94 33.97 49.90 17.13
C GLY B 94 34.72 49.72 18.44
N MET B 95 34.39 48.66 19.17
CA MET B 95 35.04 48.35 20.43
C MET B 95 36.35 47.61 20.18
N ASP B 96 37.37 48.34 19.74
CA ASP B 96 38.64 47.73 19.36
C ASP B 96 39.77 48.75 19.45
N LYS B 97 40.86 48.35 20.08
CA LYS B 97 42.01 49.23 20.31
C LYS B 97 42.71 49.61 19.00
N SER B 98 42.56 48.77 17.98
CA SER B 98 43.22 49.01 16.69
C SER B 98 42.49 50.08 15.88
N ALA B 99 41.20 50.23 16.15
CA ALA B 99 40.40 51.26 15.49
C ALA B 99 40.44 51.14 13.97
N ALA C 2 -16.67 11.03 11.58
CA ALA C 2 -15.81 11.89 10.78
C ALA C 2 -14.54 12.25 11.54
N ASP C 3 -13.48 11.47 11.34
CA ASP C 3 -12.20 11.75 11.99
C ASP C 3 -11.67 13.11 11.59
N ALA C 4 -10.83 13.69 12.43
CA ALA C 4 -10.22 14.97 12.15
C ALA C 4 -9.30 14.89 10.94
N LEU C 5 -9.01 16.06 10.36
CA LEU C 5 -8.22 16.14 9.14
C LEU C 5 -6.99 17.02 9.36
N GLY C 6 -5.82 16.49 9.02
CA GLY C 6 -4.56 17.21 9.12
C GLY C 6 -3.89 17.30 7.77
N MET C 7 -3.35 18.47 7.44
CA MET C 7 -2.76 18.71 6.12
C MET C 7 -1.48 19.54 6.23
N ILE C 8 -0.43 19.07 5.55
CA ILE C 8 0.83 19.81 5.43
C ILE C 8 1.19 19.97 3.97
N GLU C 9 1.14 21.21 3.48
CA GLU C 9 1.49 21.50 2.09
C GLU C 9 2.89 22.09 2.01
N VAL C 10 3.68 21.55 1.08
CA VAL C 10 5.08 21.96 0.90
C VAL C 10 5.38 22.10 -0.58
N ARG C 11 6.09 23.16 -0.95
CA ARG C 11 6.60 23.26 -2.31
C ARG C 11 7.91 22.48 -2.37
N GLY C 12 7.78 21.16 -2.33
CA GLY C 12 8.92 20.27 -2.29
C GLY C 12 8.47 18.89 -1.85
N PHE C 13 8.75 17.89 -2.66
CA PHE C 13 8.35 16.52 -2.38
C PHE C 13 9.08 15.99 -1.14
N VAL C 14 10.37 16.31 -1.04
CA VAL C 14 11.19 15.81 0.06
C VAL C 14 10.70 16.32 1.41
N GLY C 15 10.40 17.61 1.49
CA GLY C 15 9.91 18.21 2.73
C GLY C 15 8.55 17.65 3.10
N MET C 16 7.75 17.34 2.08
CA MET C 16 6.44 16.76 2.27
C MET C 16 6.52 15.33 2.79
N VAL C 17 7.48 14.58 2.27
CA VAL C 17 7.69 13.19 2.72
C VAL C 17 8.10 13.18 4.19
N GLU C 18 8.94 14.13 4.58
CA GLU C 18 9.39 14.24 5.96
C GLU C 18 8.21 14.66 6.84
N ALA C 19 7.35 15.53 6.31
CA ALA C 19 6.12 15.91 7.01
C ALA C 19 5.26 14.69 7.26
N ALA C 20 5.04 13.91 6.20
CA ALA C 20 4.21 12.72 6.29
C ALA C 20 4.79 11.71 7.28
N ASP C 21 6.10 11.51 7.21
CA ASP C 21 6.79 10.56 8.08
C ASP C 21 6.72 10.97 9.56
N ALA C 22 6.98 12.25 9.82
CA ALA C 22 6.96 12.78 11.18
C ALA C 22 5.56 12.73 11.78
N MET C 23 4.55 12.96 10.95
CA MET C 23 3.15 12.97 11.40
C MET C 23 2.69 11.61 11.91
N VAL C 24 2.91 10.57 11.12
CA VAL C 24 2.44 9.23 11.46
C VAL C 24 3.28 8.60 12.58
N LYS C 25 4.46 9.14 12.82
CA LYS C 25 5.32 8.66 13.90
C LYS C 25 4.97 9.32 15.24
N ALA C 26 4.41 10.53 15.19
CA ALA C 26 4.19 11.32 16.39
C ALA C 26 2.90 10.95 17.12
N ALA C 27 1.90 10.50 16.37
CA ALA C 27 0.58 10.22 16.94
C ALA C 27 -0.13 9.15 16.13
N LYS C 28 -1.28 8.70 16.64
CA LYS C 28 -2.05 7.66 16.00
C LYS C 28 -2.91 8.23 14.88
N VAL C 29 -2.27 8.54 13.74
CA VAL C 29 -2.96 9.08 12.57
C VAL C 29 -2.54 8.31 11.33
N GLU C 30 -3.44 8.25 10.34
CA GLU C 30 -3.17 7.53 9.10
C GLU C 30 -2.89 8.46 7.92
N LEU C 31 -1.71 8.31 7.33
CA LEU C 31 -1.41 8.96 6.06
C LEU C 31 -2.22 8.29 4.96
N ILE C 32 -3.24 9.00 4.48
CA ILE C 32 -4.18 8.43 3.51
C ILE C 32 -3.69 8.61 2.07
N GLY C 33 -2.74 9.52 1.88
CA GLY C 33 -2.19 9.77 0.56
C GLY C 33 -1.61 11.16 0.47
N TYR C 34 -1.32 11.60 -0.76
CA TYR C 34 -0.82 12.94 -0.99
C TYR C 34 -1.39 13.55 -2.26
N GLU C 35 -1.64 14.86 -2.20
CA GLU C 35 -2.25 15.60 -3.30
C GLU C 35 -1.20 16.42 -4.06
N LYS C 36 -1.18 16.28 -5.38
CA LYS C 36 -0.28 17.08 -6.22
C LYS C 36 -1.07 18.09 -7.04
N THR C 37 -0.76 19.37 -6.86
CA THR C 37 -1.49 20.45 -7.53
C THR C 37 -0.59 21.16 -8.56
N GLY C 38 0.53 20.53 -8.89
CA GLY C 38 1.45 21.07 -9.88
C GLY C 38 2.28 22.21 -9.32
N GLY C 39 3.21 22.71 -10.13
CA GLY C 39 4.05 23.82 -9.73
C GLY C 39 4.98 23.49 -8.57
N GLY C 40 5.14 22.20 -8.30
CA GLY C 40 5.99 21.74 -7.22
C GLY C 40 5.26 21.64 -5.90
N TYR C 41 3.98 22.00 -5.91
CA TYR C 41 3.15 21.99 -4.69
C TYR C 41 2.62 20.58 -4.43
N VAL C 42 2.84 20.10 -3.22
CA VAL C 42 2.33 18.79 -2.81
C VAL C 42 1.83 18.86 -1.35
N THR C 43 0.80 18.08 -1.02
CA THR C 43 0.18 18.12 0.30
C THR C 43 0.01 16.74 0.93
N ALA C 44 0.55 16.56 2.13
CA ALA C 44 0.36 15.33 2.90
C ALA C 44 -0.93 15.42 3.71
N VAL C 45 -1.74 14.37 3.65
CA VAL C 45 -3.02 14.35 4.34
C VAL C 45 -3.09 13.19 5.34
N VAL C 46 -3.32 13.52 6.61
CA VAL C 46 -3.46 12.50 7.64
C VAL C 46 -4.79 12.67 8.37
N ARG C 47 -5.34 11.55 8.85
CA ARG C 47 -6.59 11.57 9.60
C ARG C 47 -6.53 10.70 10.85
N GLY C 48 -7.30 11.09 11.85
CA GLY C 48 -7.34 10.39 13.12
C GLY C 48 -8.18 11.18 14.09
N ASP C 49 -8.10 10.82 15.37
CA ASP C 49 -8.83 11.55 16.40
C ASP C 49 -8.26 12.96 16.53
N VAL C 50 -9.06 13.88 17.03
CA VAL C 50 -8.70 15.29 17.07
C VAL C 50 -7.37 15.50 17.79
N ALA C 51 -7.17 14.82 18.91
CA ALA C 51 -5.95 14.96 19.69
C ALA C 51 -4.74 14.43 18.92
N ALA C 52 -4.93 13.32 18.21
CA ALA C 52 -3.84 12.69 17.48
C ALA C 52 -3.44 13.52 16.26
N VAL C 53 -4.43 14.02 15.54
CA VAL C 53 -4.18 14.79 14.32
C VAL C 53 -3.54 16.13 14.67
N LYS C 54 -3.90 16.67 15.82
CA LYS C 54 -3.35 17.96 16.26
C LYS C 54 -1.87 17.82 16.62
N ALA C 55 -1.54 16.76 17.37
CA ALA C 55 -0.17 16.51 17.78
C ALA C 55 0.72 16.14 16.60
N ALA C 56 0.16 15.39 15.66
CA ALA C 56 0.90 14.95 14.47
C ALA C 56 1.27 16.14 13.60
N THR C 57 0.29 17.01 13.36
CA THR C 57 0.47 18.16 12.49
C THR C 57 1.54 19.10 13.03
N GLU C 58 1.59 19.25 14.35
CA GLU C 58 2.57 20.13 14.98
C GLU C 58 3.98 19.56 14.82
N ALA C 59 4.06 18.24 14.86
CA ALA C 59 5.33 17.54 14.66
C ALA C 59 5.72 17.51 13.19
N GLY C 60 4.74 17.41 12.32
CA GLY C 60 4.98 17.40 10.88
C GLY C 60 5.54 18.72 10.39
N GLN C 61 4.97 19.80 10.89
CA GLN C 61 5.43 21.15 10.55
C GLN C 61 6.87 21.34 11.01
N ARG C 62 7.16 20.89 12.22
CA ARG C 62 8.48 21.02 12.82
C ARG C 62 9.60 20.40 11.98
N ALA C 63 9.37 19.19 11.51
CA ALA C 63 10.39 18.46 10.74
C ALA C 63 10.51 18.99 9.30
N ALA C 64 9.38 19.33 8.69
CA ALA C 64 9.36 19.80 7.31
C ALA C 64 10.05 21.15 7.14
N GLU C 65 9.91 22.01 8.15
CA GLU C 65 10.49 23.35 8.11
C GLU C 65 12.00 23.30 8.06
N ARG C 66 12.57 22.19 8.53
CA ARG C 66 14.02 22.01 8.55
C ARG C 66 14.59 21.57 7.20
N VAL C 67 13.72 21.07 6.32
CA VAL C 67 14.16 20.43 5.07
C VAL C 67 13.64 21.11 3.81
N GLY C 68 12.45 21.70 3.89
CA GLY C 68 11.81 22.28 2.72
C GLY C 68 11.05 23.57 2.98
N GLU C 69 10.32 24.01 1.96
CA GLU C 69 9.51 25.23 2.02
C GLU C 69 8.04 24.93 2.30
N VAL C 70 7.64 25.02 3.57
CA VAL C 70 6.25 24.76 3.95
C VAL C 70 5.36 25.92 3.51
N VAL C 71 4.27 25.58 2.81
CA VAL C 71 3.34 26.58 2.30
C VAL C 71 2.23 26.85 3.32
N ALA C 72 1.61 25.78 3.80
CA ALA C 72 0.50 25.90 4.75
C ALA C 72 0.40 24.70 5.67
N VAL C 73 -0.08 24.95 6.89
CA VAL C 73 -0.34 23.91 7.88
C VAL C 73 -1.68 24.19 8.55
N HIS C 74 -2.56 23.19 8.55
CA HIS C 74 -3.90 23.39 9.10
C HIS C 74 -4.53 22.08 9.56
N VAL C 75 -5.37 22.18 10.58
CA VAL C 75 -6.13 21.04 11.09
C VAL C 75 -7.64 21.36 11.09
N ILE C 76 -8.44 20.42 10.61
CA ILE C 76 -9.89 20.50 10.67
C ILE C 76 -10.44 19.38 11.54
N PRO C 77 -10.81 19.68 12.81
CA PRO C 77 -11.33 18.66 13.73
C PRO C 77 -12.57 17.93 13.20
N ARG C 78 -13.50 18.68 12.61
CA ARG C 78 -14.77 18.13 12.13
C ARG C 78 -15.07 18.54 10.68
N PRO C 79 -14.40 17.90 9.71
CA PRO C 79 -14.65 18.24 8.31
C PRO C 79 -16.09 17.91 7.90
N HIS C 80 -16.69 18.80 7.12
CA HIS C 80 -18.06 18.62 6.66
C HIS C 80 -18.14 17.38 5.77
N VAL C 81 -19.26 16.68 5.83
CA VAL C 81 -19.43 15.44 5.08
C VAL C 81 -19.29 15.68 3.58
N ASN C 82 -19.68 16.87 3.13
CA ASN C 82 -19.57 17.24 1.73
C ASN C 82 -18.11 17.37 1.29
N VAL C 83 -17.26 17.84 2.20
CA VAL C 83 -15.83 17.99 1.93
C VAL C 83 -15.19 16.62 1.72
N ASP C 84 -15.52 15.68 2.60
CA ASP C 84 -14.96 14.34 2.53
C ASP C 84 -15.46 13.57 1.30
N ALA C 85 -16.62 13.96 0.79
CA ALA C 85 -17.23 13.29 -0.35
C ALA C 85 -16.68 13.83 -1.68
N ALA C 86 -16.41 15.13 -1.72
CA ALA C 86 -16.02 15.80 -2.96
C ALA C 86 -14.52 15.90 -3.16
N LEU C 87 -13.76 15.82 -2.07
CA LEU C 87 -12.31 16.00 -2.14
C LEU C 87 -11.58 14.69 -1.77
N PRO C 88 -10.39 14.46 -2.35
CA PRO C 88 -9.68 13.22 -2.06
C PRO C 88 -8.92 13.28 -0.73
N LEU C 89 -9.67 13.18 0.36
CA LEU C 89 -9.11 13.30 1.71
C LEU C 89 -9.16 11.98 2.49
N GLY C 90 -9.52 10.90 1.81
CA GLY C 90 -9.36 9.56 2.35
C GLY C 90 -10.43 8.98 3.25
N ARG C 91 -11.56 9.67 3.38
CA ARG C 91 -12.68 9.16 4.19
C ARG C 91 -14.00 9.43 3.51
N THR C 92 -14.22 8.82 2.34
CA THR C 92 -15.48 8.98 1.64
C THR C 92 -16.61 8.47 2.54
N PRO C 93 -17.61 9.34 2.82
CA PRO C 93 -18.75 8.91 3.64
C PRO C 93 -19.49 7.73 3.03
N GLY C 94 -19.74 6.70 3.85
CA GLY C 94 -20.41 5.50 3.40
C GLY C 94 -19.45 4.34 3.24
N MET C 95 -18.16 4.64 3.13
CA MET C 95 -17.14 3.62 2.98
C MET C 95 -16.73 3.08 4.36
N ASP C 96 -17.60 2.27 4.93
CA ASP C 96 -17.39 1.73 6.28
C ASP C 96 -18.20 0.45 6.47
N ALA D 2 12.66 -2.76 5.78
CA ALA D 2 12.45 -1.32 5.71
C ALA D 2 13.76 -0.59 5.49
N ASP D 3 14.20 -0.55 4.24
CA ASP D 3 15.41 0.15 3.86
C ASP D 3 15.31 1.64 4.19
N ALA D 4 16.47 2.28 4.37
CA ALA D 4 16.51 3.72 4.59
C ALA D 4 16.10 4.43 3.30
N LEU D 5 15.73 5.69 3.42
CA LEU D 5 15.23 6.46 2.28
C LEU D 5 16.07 7.70 2.04
N GLY D 6 16.56 7.84 0.80
CA GLY D 6 17.34 9.00 0.40
C GLY D 6 16.66 9.73 -0.74
N MET D 7 16.66 11.06 -0.68
CA MET D 7 15.96 11.89 -1.65
C MET D 7 16.74 13.14 -2.03
N ILE D 8 16.85 13.39 -3.33
CA ILE D 8 17.46 14.62 -3.85
C ILE D 8 16.49 15.32 -4.78
N GLU D 9 15.98 16.47 -4.36
CA GLU D 9 15.04 17.24 -5.17
C GLU D 9 15.72 18.42 -5.87
N VAL D 10 15.44 18.55 -7.16
CA VAL D 10 16.06 19.59 -7.97
C VAL D 10 15.02 20.18 -8.92
N ARG D 11 15.02 21.51 -9.07
CA ARG D 11 14.22 22.14 -10.11
C ARG D 11 14.98 22.05 -11.43
N GLY D 12 15.05 20.83 -11.97
CA GLY D 12 15.82 20.57 -13.17
C GLY D 12 16.05 19.08 -13.35
N PHE D 13 15.67 18.56 -14.51
CA PHE D 13 15.81 17.14 -14.79
C PHE D 13 17.28 16.73 -14.86
N VAL D 14 18.11 17.57 -15.46
CA VAL D 14 19.52 17.26 -15.64
C VAL D 14 20.22 17.13 -14.28
N GLY D 15 19.95 18.07 -13.38
CA GLY D 15 20.55 18.04 -12.05
C GLY D 15 20.10 16.83 -11.25
N MET D 16 18.86 16.41 -11.47
CA MET D 16 18.31 15.24 -10.79
C MET D 16 18.96 13.95 -11.31
N VAL D 17 19.19 13.89 -12.62
CA VAL D 17 19.85 12.74 -13.23
C VAL D 17 21.28 12.60 -12.72
N GLU D 18 22.00 13.71 -12.60
CA GLU D 18 23.36 13.68 -12.11
C GLU D 18 23.37 13.29 -10.64
N ALA D 19 22.38 13.80 -9.89
CA ALA D 19 22.19 13.43 -8.50
C ALA D 19 21.95 11.94 -8.39
N ALA D 20 21.03 11.45 -9.21
CA ALA D 20 20.65 10.04 -9.22
C ALA D 20 21.84 9.15 -9.56
N ASP D 21 22.61 9.55 -10.57
CA ASP D 21 23.77 8.78 -11.00
C ASP D 21 24.85 8.69 -9.92
N ALA D 22 25.11 9.83 -9.27
CA ALA D 22 26.14 9.90 -8.23
C ALA D 22 25.78 9.05 -7.02
N MET D 23 24.50 8.99 -6.71
CA MET D 23 24.01 8.23 -5.56
C MET D 23 24.28 6.74 -5.68
N VAL D 24 23.90 6.16 -6.82
CA VAL D 24 24.04 4.72 -7.04
C VAL D 24 25.49 4.31 -7.30
N LYS D 25 26.32 5.27 -7.68
CA LYS D 25 27.74 5.00 -7.90
C LYS D 25 28.56 5.11 -6.62
N ALA D 26 28.06 5.89 -5.66
CA ALA D 26 28.80 6.20 -4.45
C ALA D 26 28.65 5.11 -3.39
N ALA D 27 27.51 4.43 -3.41
CA ALA D 27 27.21 3.44 -2.38
C ALA D 27 26.25 2.37 -2.90
N LYS D 28 26.04 1.34 -2.09
CA LYS D 28 25.17 0.23 -2.43
C LYS D 28 23.70 0.58 -2.15
N VAL D 29 23.11 1.40 -3.02
CA VAL D 29 21.71 1.79 -2.90
C VAL D 29 21.00 1.63 -4.24
N GLU D 30 19.70 1.41 -4.20
CA GLU D 30 18.91 1.23 -5.42
C GLU D 30 18.06 2.45 -5.72
N LEU D 31 18.31 3.05 -6.88
CA LEU D 31 17.45 4.11 -7.41
C LEU D 31 16.11 3.51 -7.84
N ILE D 32 15.07 3.79 -7.08
CA ILE D 32 13.76 3.16 -7.29
C ILE D 32 12.89 3.91 -8.29
N GLY D 33 13.22 5.16 -8.57
CA GLY D 33 12.46 5.95 -9.51
C GLY D 33 12.60 7.44 -9.25
N TYR D 34 11.75 8.23 -9.89
CA TYR D 34 11.74 9.68 -9.68
C TYR D 34 10.33 10.23 -9.70
N GLU D 35 10.11 11.25 -8.85
CA GLU D 35 8.80 11.86 -8.69
C GLU D 35 8.72 13.18 -9.44
N LYS D 36 7.65 13.35 -10.20
CA LYS D 36 7.39 14.58 -10.94
C LYS D 36 6.24 15.34 -10.30
N THR D 37 6.52 16.54 -9.80
CA THR D 37 5.51 17.33 -9.09
C THR D 37 5.16 18.62 -9.83
N GLY D 38 5.60 18.71 -11.09
CA GLY D 38 5.31 19.86 -11.92
C GLY D 38 6.20 21.04 -11.59
N GLY D 39 6.07 22.11 -12.36
CA GLY D 39 6.85 23.33 -12.15
C GLY D 39 8.34 23.14 -12.35
N GLY D 40 8.72 22.01 -12.97
CA GLY D 40 10.13 21.72 -13.20
C GLY D 40 10.79 20.96 -12.05
N TYR D 41 10.02 20.71 -11.00
CA TYR D 41 10.54 20.03 -9.81
C TYR D 41 10.52 18.51 -9.96
N VAL D 42 11.68 17.89 -9.71
CA VAL D 42 11.81 16.43 -9.74
C VAL D 42 12.69 15.93 -8.59
N THR D 43 12.43 14.72 -8.13
CA THR D 43 13.13 14.13 -7.00
C THR D 43 13.65 12.72 -7.30
N ALA D 44 14.95 12.51 -7.11
CA ALA D 44 15.53 11.18 -7.25
C ALA D 44 15.39 10.42 -5.93
N VAL D 45 14.93 9.18 -6.00
CA VAL D 45 14.67 8.36 -4.81
C VAL D 45 15.51 7.09 -4.79
N VAL D 46 16.28 6.91 -3.73
CA VAL D 46 17.09 5.70 -3.55
C VAL D 46 16.77 5.01 -2.23
N ARG D 47 16.94 3.69 -2.21
CA ARG D 47 16.71 2.89 -1.00
C ARG D 47 17.90 1.97 -0.77
N GLY D 48 18.19 1.72 0.51
CA GLY D 48 19.30 0.87 0.90
C GLY D 48 19.53 0.93 2.38
N ASP D 49 20.64 0.40 2.85
CA ASP D 49 20.97 0.48 4.27
C ASP D 49 21.28 1.93 4.66
N VAL D 50 21.09 2.24 5.93
CA VAL D 50 21.21 3.62 6.43
C VAL D 50 22.57 4.23 6.09
N ALA D 51 23.63 3.44 6.24
CA ALA D 51 24.98 3.93 5.97
C ALA D 51 25.13 4.25 4.49
N ALA D 52 24.53 3.42 3.65
CA ALA D 52 24.65 3.56 2.20
C ALA D 52 23.93 4.80 1.67
N VAL D 53 22.72 5.05 2.17
CA VAL D 53 21.93 6.18 1.69
C VAL D 53 22.53 7.52 2.13
N LYS D 54 23.17 7.53 3.29
CA LYS D 54 23.79 8.75 3.81
C LYS D 54 25.00 9.11 2.94
N ALA D 55 25.79 8.11 2.57
CA ALA D 55 26.94 8.34 1.70
C ALA D 55 26.50 8.74 0.30
N ALA D 56 25.38 8.18 -0.15
CA ALA D 56 24.85 8.47 -1.47
C ALA D 56 24.37 9.92 -1.59
N THR D 57 23.58 10.38 -0.61
CA THR D 57 22.99 11.71 -0.66
C THR D 57 24.02 12.83 -0.66
N GLU D 58 25.07 12.69 0.14
CA GLU D 58 26.08 13.74 0.22
C GLU D 58 26.85 13.84 -1.09
N ALA D 59 27.05 12.68 -1.73
CA ALA D 59 27.70 12.65 -3.03
C ALA D 59 26.73 13.10 -4.12
N GLY D 60 25.45 12.77 -3.95
CA GLY D 60 24.41 13.18 -4.88
C GLY D 60 24.20 14.68 -4.85
N GLN D 61 24.19 15.23 -3.64
CA GLN D 61 24.06 16.67 -3.44
C GLN D 61 25.23 17.42 -4.06
N ARG D 62 26.42 16.91 -3.80
CA ARG D 62 27.66 17.50 -4.28
C ARG D 62 27.69 17.59 -5.80
N ALA D 63 27.26 16.51 -6.45
CA ALA D 63 27.27 16.42 -7.90
C ALA D 63 26.18 17.28 -8.53
N ALA D 64 25.01 17.30 -7.89
CA ALA D 64 23.88 18.08 -8.39
C ALA D 64 24.15 19.57 -8.31
N GLU D 65 24.86 19.98 -7.26
CA GLU D 65 25.18 21.39 -7.05
C GLU D 65 26.10 21.93 -8.14
N ARG D 66 26.80 21.04 -8.84
CA ARG D 66 27.71 21.43 -9.90
C ARG D 66 26.99 21.75 -11.20
N VAL D 67 25.76 21.29 -11.32
CA VAL D 67 25.02 21.40 -12.58
C VAL D 67 23.73 22.20 -12.43
N GLY D 68 23.11 22.12 -11.25
CA GLY D 68 21.83 22.76 -11.03
C GLY D 68 21.61 23.33 -9.64
N GLU D 69 20.38 23.80 -9.42
CA GLU D 69 19.96 24.37 -8.14
C GLU D 69 19.18 23.34 -7.32
N VAL D 70 19.86 22.70 -6.38
CA VAL D 70 19.22 21.68 -5.54
C VAL D 70 18.21 22.30 -4.58
N VAL D 71 17.02 21.71 -4.55
CA VAL D 71 15.93 22.23 -3.72
C VAL D 71 16.01 21.63 -2.32
N ALA D 72 16.14 20.32 -2.23
CA ALA D 72 16.21 19.65 -0.94
C ALA D 72 17.02 18.36 -1.01
N VAL D 73 17.67 18.05 0.11
CA VAL D 73 18.41 16.80 0.29
C VAL D 73 18.09 16.27 1.68
N HIS D 74 17.63 15.03 1.75
CA HIS D 74 17.20 14.47 3.03
C HIS D 74 17.30 12.96 3.07
N VAL D 75 17.56 12.45 4.28
CA VAL D 75 17.59 11.02 4.53
C VAL D 75 16.65 10.66 5.68
N ILE D 76 15.86 9.61 5.46
CA ILE D 76 15.02 9.04 6.52
C ILE D 76 15.53 7.63 6.78
N PRO D 77 16.28 7.44 7.87
CA PRO D 77 16.83 6.12 8.18
C PRO D 77 15.78 5.01 8.29
N ARG D 78 14.67 5.30 8.98
CA ARG D 78 13.64 4.30 9.24
C ARG D 78 12.25 4.84 8.92
N PRO D 79 11.90 4.89 7.63
CA PRO D 79 10.59 5.43 7.24
C PRO D 79 9.43 4.59 7.77
N HIS D 80 8.37 5.26 8.20
CA HIS D 80 7.19 4.61 8.74
C HIS D 80 6.51 3.78 7.66
N VAL D 81 5.94 2.65 8.05
CA VAL D 81 5.33 1.73 7.10
C VAL D 81 4.18 2.38 6.34
N ASN D 82 3.49 3.31 7.00
CA ASN D 82 2.39 4.03 6.37
C ASN D 82 2.89 4.91 5.22
N VAL D 83 4.08 5.48 5.40
CA VAL D 83 4.69 6.31 4.37
C VAL D 83 5.01 5.47 3.14
N ASP D 84 5.58 4.30 3.37
CA ASP D 84 5.96 3.40 2.28
C ASP D 84 4.73 2.83 1.57
N ALA D 85 3.61 2.80 2.28
CA ALA D 85 2.38 2.25 1.73
C ALA D 85 1.64 3.28 0.89
N ALA D 86 1.68 4.54 1.35
CA ALA D 86 0.89 5.60 0.75
C ALA D 86 1.67 6.39 -0.31
N LEU D 87 2.99 6.35 -0.24
CA LEU D 87 3.83 7.12 -1.16
C LEU D 87 4.64 6.20 -2.06
N PRO D 88 4.92 6.65 -3.31
CA PRO D 88 5.68 5.81 -4.25
C PRO D 88 7.18 5.90 -3.98
N LEU D 89 7.65 5.22 -2.93
CA LEU D 89 9.04 5.33 -2.51
C LEU D 89 9.83 4.04 -2.76
N GLY D 90 9.22 3.11 -3.48
CA GLY D 90 9.93 1.95 -3.99
C GLY D 90 10.05 0.78 -3.04
N ARG D 91 9.34 0.85 -1.92
CA ARG D 91 9.34 -0.24 -0.94
C ARG D 91 7.96 -0.45 -0.37
N THR D 92 7.01 -0.82 -1.23
CA THR D 92 5.66 -1.12 -0.80
C THR D 92 5.67 -2.27 0.21
N PRO D 93 5.14 -2.05 1.42
CA PRO D 93 5.10 -3.13 2.41
C PRO D 93 4.31 -4.35 1.92
N GLY D 94 4.91 -5.53 2.04
CA GLY D 94 4.27 -6.76 1.62
C GLY D 94 4.79 -7.28 0.29
N MET D 95 5.43 -6.41 -0.49
CA MET D 95 5.98 -6.80 -1.78
C MET D 95 7.37 -7.43 -1.61
N ASP D 96 7.39 -8.66 -1.09
CA ASP D 96 8.65 -9.33 -0.79
C ASP D 96 8.40 -10.84 -0.71
N LYS D 97 9.26 -11.63 -1.34
CA LYS D 97 9.08 -13.08 -1.38
C LYS D 97 9.17 -13.70 0.02
N SER D 98 9.93 -13.06 0.91
CA SER D 98 10.07 -13.54 2.28
C SER D 98 8.91 -13.04 3.14
N ALA D 99 7.72 -13.58 2.90
CA ALA D 99 6.54 -13.21 3.68
C ALA D 99 5.53 -14.35 3.72
N ALA E 2 -4.68 -9.98 7.88
CA ALA E 2 -5.62 -9.11 7.17
C ALA E 2 -7.05 -9.63 7.31
N ASP E 3 -8.00 -8.70 7.29
CA ASP E 3 -9.41 -9.07 7.33
C ASP E 3 -9.74 -9.93 6.11
N ALA E 4 -10.78 -10.75 6.20
CA ALA E 4 -11.15 -11.64 5.10
C ALA E 4 -11.55 -10.89 3.82
N LEU E 5 -11.49 -11.62 2.71
CA LEU E 5 -11.74 -11.07 1.39
C LEU E 5 -12.86 -11.80 0.67
N GLY E 6 -13.86 -11.04 0.22
CA GLY E 6 -14.99 -11.59 -0.51
C GLY E 6 -15.11 -10.99 -1.90
N MET E 7 -15.39 -11.83 -2.88
CA MET E 7 -15.46 -11.40 -4.27
C MET E 7 -16.57 -12.10 -5.04
N ILE E 8 -17.36 -11.31 -5.76
CA ILE E 8 -18.36 -11.83 -6.68
C ILE E 8 -18.13 -11.23 -8.06
N GLU E 9 -17.76 -12.07 -9.01
CA GLU E 9 -17.49 -11.65 -10.37
C GLU E 9 -18.68 -11.96 -11.27
N VAL E 10 -19.07 -10.97 -12.08
CA VAL E 10 -20.24 -11.08 -12.94
C VAL E 10 -19.94 -10.50 -14.31
N ARG E 11 -20.35 -11.20 -15.36
CA ARG E 11 -20.28 -10.63 -16.70
C ARG E 11 -21.51 -9.75 -16.88
N GLY E 12 -21.51 -8.61 -16.19
CA GLY E 12 -22.64 -7.73 -16.17
C GLY E 12 -22.55 -6.75 -15.01
N PHE E 13 -22.63 -5.46 -15.31
CA PHE E 13 -22.53 -4.43 -14.29
C PHE E 13 -23.73 -4.47 -13.33
N VAL E 14 -24.92 -4.69 -13.87
CA VAL E 14 -26.14 -4.67 -13.08
C VAL E 14 -26.13 -5.76 -12.02
N GLY E 15 -25.73 -6.97 -12.41
CA GLY E 15 -25.65 -8.09 -11.50
C GLY E 15 -24.61 -7.89 -10.42
N MET E 16 -23.54 -7.20 -10.78
CA MET E 16 -22.46 -6.91 -9.84
C MET E 16 -22.92 -5.89 -8.80
N VAL E 17 -23.71 -4.91 -9.23
CA VAL E 17 -24.26 -3.90 -8.32
C VAL E 17 -25.22 -4.55 -7.32
N GLU E 18 -26.03 -5.49 -7.80
CA GLU E 18 -26.97 -6.19 -6.94
C GLU E 18 -26.25 -7.08 -5.93
N ALA E 19 -25.14 -7.68 -6.37
CA ALA E 19 -24.31 -8.48 -5.48
C ALA E 19 -23.76 -7.62 -4.35
N ALA E 20 -23.19 -6.47 -4.72
CA ALA E 20 -22.59 -5.57 -3.74
C ALA E 20 -23.62 -5.08 -2.74
N ASP E 21 -24.81 -4.73 -3.23
CA ASP E 21 -25.87 -4.21 -2.37
C ASP E 21 -26.30 -5.28 -1.36
N ALA E 22 -26.47 -6.50 -1.85
CA ALA E 22 -26.88 -7.60 -1.00
C ALA E 22 -25.79 -7.93 0.03
N MET E 23 -24.54 -7.80 -0.39
CA MET E 23 -23.40 -8.10 0.47
C MET E 23 -23.33 -7.16 1.68
N VAL E 24 -23.37 -5.85 1.43
CA VAL E 24 -23.24 -4.87 2.50
C VAL E 24 -24.50 -4.78 3.36
N LYS E 25 -25.62 -5.25 2.84
CA LYS E 25 -26.87 -5.29 3.58
C LYS E 25 -26.96 -6.52 4.46
N ALA E 26 -26.24 -7.57 4.06
CA ALA E 26 -26.35 -8.87 4.72
C ALA E 26 -25.46 -8.98 5.95
N ALA E 27 -24.32 -8.29 5.93
CA ALA E 27 -23.34 -8.42 7.02
C ALA E 27 -22.48 -7.17 7.19
N LYS E 28 -21.66 -7.20 8.24
CA LYS E 28 -20.76 -6.10 8.56
C LYS E 28 -19.51 -6.19 7.70
N VAL E 29 -19.66 -5.82 6.43
CA VAL E 29 -18.57 -5.82 5.46
C VAL E 29 -18.52 -4.52 4.67
N GLU E 30 -17.33 -4.15 4.21
CA GLU E 30 -17.15 -2.92 3.44
C GLU E 30 -16.92 -3.22 1.96
N LEU E 31 -17.81 -2.70 1.12
CA LEU E 31 -17.58 -2.68 -0.31
C LEU E 31 -16.47 -1.67 -0.61
N ILE E 32 -15.29 -2.16 -0.95
CA ILE E 32 -14.10 -1.31 -1.11
C ILE E 32 -13.99 -0.75 -2.53
N GLY E 33 -14.70 -1.37 -3.47
CA GLY E 33 -14.67 -0.93 -4.85
C GLY E 33 -15.01 -2.09 -5.76
N TYR E 34 -14.77 -1.93 -7.06
CA TYR E 34 -14.97 -3.00 -8.01
C TYR E 34 -13.91 -2.96 -9.09
N GLU E 35 -13.49 -4.14 -9.54
CA GLU E 35 -12.43 -4.29 -10.53
C GLU E 35 -13.02 -4.57 -11.91
N LYS E 36 -12.58 -3.80 -12.92
CA LYS E 36 -13.04 -4.00 -14.29
C LYS E 36 -11.89 -4.55 -15.15
N THR E 37 -12.12 -5.72 -15.74
CA THR E 37 -11.10 -6.41 -16.52
C THR E 37 -11.47 -6.46 -18.01
N GLY E 38 -12.46 -5.64 -18.38
CA GLY E 38 -12.89 -5.55 -19.77
C GLY E 38 -13.78 -6.68 -20.22
N GLY E 39 -14.28 -6.58 -21.44
CA GLY E 39 -15.14 -7.61 -22.00
C GLY E 39 -16.46 -7.78 -21.28
N GLY E 40 -16.82 -6.79 -20.47
CA GLY E 40 -18.05 -6.84 -19.70
C GLY E 40 -17.89 -7.47 -18.33
N TYR E 41 -16.66 -7.90 -18.02
CA TYR E 41 -16.36 -8.52 -16.73
C TYR E 41 -16.11 -7.49 -15.64
N VAL E 42 -16.81 -7.65 -14.53
CA VAL E 42 -16.62 -6.79 -13.36
C VAL E 42 -16.68 -7.62 -12.09
N THR E 43 -15.95 -7.18 -11.06
CA THR E 43 -15.87 -7.92 -9.80
C THR E 43 -16.13 -7.00 -8.62
N ALA E 44 -17.11 -7.35 -7.80
CA ALA E 44 -17.39 -6.63 -6.56
C ALA E 44 -16.50 -7.18 -5.45
N VAL E 45 -15.85 -6.29 -4.71
CA VAL E 45 -14.93 -6.69 -3.65
C VAL E 45 -15.38 -6.13 -2.30
N VAL E 46 -15.56 -7.03 -1.33
CA VAL E 46 -15.91 -6.64 0.04
C VAL E 46 -14.89 -7.16 1.03
N ARG E 47 -14.71 -6.44 2.13
CA ARG E 47 -13.75 -6.83 3.16
C ARG E 47 -14.37 -6.76 4.56
N GLY E 48 -13.92 -7.64 5.44
CA GLY E 48 -14.40 -7.71 6.80
C GLY E 48 -13.88 -8.96 7.48
N ASP E 49 -14.40 -9.27 8.67
CA ASP E 49 -14.02 -10.50 9.35
C ASP E 49 -14.60 -11.69 8.58
N VAL E 50 -13.97 -12.84 8.73
CA VAL E 50 -14.34 -14.05 7.97
C VAL E 50 -15.81 -14.43 8.11
N ALA E 51 -16.34 -14.35 9.31
CA ALA E 51 -17.74 -14.73 9.54
C ALA E 51 -18.69 -13.79 8.79
N ALA E 52 -18.35 -12.51 8.79
CA ALA E 52 -19.19 -11.50 8.16
C ALA E 52 -19.17 -11.61 6.63
N VAL E 53 -17.98 -11.80 6.07
CA VAL E 53 -17.81 -11.86 4.62
C VAL E 53 -18.45 -13.11 4.03
N LYS E 54 -18.43 -14.21 4.79
CA LYS E 54 -19.03 -15.45 4.32
C LYS E 54 -20.53 -15.33 4.24
N ALA E 55 -21.15 -14.71 5.23
CA ALA E 55 -22.59 -14.51 5.23
C ALA E 55 -22.97 -13.55 4.11
N ALA E 56 -22.15 -12.52 3.90
CA ALA E 56 -22.41 -11.53 2.87
C ALA E 56 -22.28 -12.12 1.47
N THR E 57 -21.18 -12.84 1.24
CA THR E 57 -20.90 -13.39 -0.08
C THR E 57 -21.96 -14.42 -0.50
N GLU E 58 -22.42 -15.22 0.45
CA GLU E 58 -23.42 -16.23 0.15
C GLU E 58 -24.75 -15.56 -0.22
N ALA E 59 -25.05 -14.45 0.44
CA ALA E 59 -26.25 -13.67 0.15
C ALA E 59 -26.08 -12.90 -1.15
N GLY E 60 -24.86 -12.44 -1.40
CA GLY E 60 -24.56 -11.71 -2.62
C GLY E 60 -24.68 -12.63 -3.83
N GLN E 61 -24.18 -13.85 -3.68
CA GLN E 61 -24.28 -14.86 -4.73
C GLN E 61 -25.74 -15.19 -5.01
N ARG E 62 -26.52 -15.36 -3.95
CA ARG E 62 -27.94 -15.71 -4.07
C ARG E 62 -28.70 -14.66 -4.87
N ALA E 63 -28.46 -13.40 -4.55
CA ALA E 63 -29.18 -12.28 -5.16
C ALA E 63 -28.70 -12.01 -6.60
N ALA E 64 -27.40 -12.11 -6.80
CA ALA E 64 -26.81 -11.84 -8.11
C ALA E 64 -27.22 -12.86 -9.16
N GLU E 65 -27.38 -14.11 -8.74
CA GLU E 65 -27.72 -15.17 -9.68
C GLU E 65 -29.08 -14.97 -10.34
N ARG E 66 -29.94 -14.22 -9.67
CA ARG E 66 -31.28 -13.92 -10.16
C ARG E 66 -31.30 -12.79 -11.18
N VAL E 67 -30.21 -12.03 -11.25
CA VAL E 67 -30.17 -10.79 -12.05
C VAL E 67 -29.15 -10.84 -13.19
N GLY E 68 -28.06 -11.56 -13.00
CA GLY E 68 -27.00 -11.60 -13.99
C GLY E 68 -26.34 -12.96 -14.12
N GLU E 69 -25.26 -13.01 -14.91
CA GLU E 69 -24.49 -14.22 -15.09
C GLU E 69 -23.29 -14.20 -14.15
N VAL E 70 -23.42 -14.85 -13.00
CA VAL E 70 -22.33 -14.88 -12.04
C VAL E 70 -21.20 -15.74 -12.58
N VAL E 71 -20.01 -15.16 -12.60
CA VAL E 71 -18.82 -15.82 -13.13
C VAL E 71 -18.10 -16.60 -12.04
N ALA E 72 -17.86 -15.94 -10.92
CA ALA E 72 -17.15 -16.55 -9.80
C ALA E 72 -17.58 -15.97 -8.47
N VAL E 73 -17.53 -16.81 -7.45
CA VAL E 73 -17.79 -16.40 -6.07
C VAL E 73 -16.75 -17.07 -5.19
N HIS E 74 -16.04 -16.28 -4.38
CA HIS E 74 -14.95 -16.84 -3.59
C HIS E 74 -14.66 -16.02 -2.33
N VAL E 75 -14.26 -16.72 -1.27
CA VAL E 75 -13.85 -16.08 -0.02
C VAL E 75 -12.45 -16.56 0.38
N ILE E 76 -11.59 -15.61 0.75
CA ILE E 76 -10.27 -15.92 1.30
C ILE E 76 -10.24 -15.40 2.74
N PRO E 77 -10.39 -16.31 3.73
CA PRO E 77 -10.40 -15.92 5.15
C PRO E 77 -9.16 -15.16 5.61
N ARG E 78 -7.97 -15.62 5.19
CA ARG E 78 -6.71 -15.04 5.64
C ARG E 78 -5.81 -14.72 4.45
N PRO E 79 -6.10 -13.63 3.73
CA PRO E 79 -5.32 -13.26 2.53
C PRO E 79 -3.87 -12.93 2.84
N HIS E 80 -2.97 -13.40 1.97
CA HIS E 80 -1.55 -13.14 2.13
C HIS E 80 -1.25 -11.65 1.95
N VAL E 81 -0.28 -11.15 2.69
CA VAL E 81 0.05 -9.72 2.68
C VAL E 81 0.51 -9.23 1.30
N ASN E 82 1.18 -10.11 0.55
CA ASN E 82 1.67 -9.77 -0.79
C ASN E 82 0.51 -9.54 -1.75
N VAL E 83 -0.58 -10.29 -1.56
CA VAL E 83 -1.76 -10.16 -2.38
C VAL E 83 -2.39 -8.78 -2.17
N ASP E 84 -2.49 -8.37 -0.91
CA ASP E 84 -3.07 -7.08 -0.56
C ASP E 84 -2.17 -5.92 -0.98
N ALA E 85 -0.87 -6.19 -1.10
CA ALA E 85 0.09 -5.16 -1.46
C ALA E 85 0.14 -4.96 -2.96
N ALA E 86 -0.02 -6.07 -3.70
CA ALA E 86 0.13 -6.06 -5.15
C ALA E 86 -1.19 -5.85 -5.89
N LEU E 87 -2.31 -6.16 -5.23
CA LEU E 87 -3.61 -6.10 -5.87
C LEU E 87 -4.50 -5.02 -5.24
N PRO E 88 -5.38 -4.39 -6.03
CA PRO E 88 -6.26 -3.35 -5.49
C PRO E 88 -7.48 -3.95 -4.80
N LEU E 89 -7.27 -4.49 -3.59
CA LEU E 89 -8.34 -5.18 -2.87
C LEU E 89 -8.79 -4.42 -1.63
N GLY E 90 -8.33 -3.18 -1.50
CA GLY E 90 -8.87 -2.26 -0.51
C GLY E 90 -8.28 -2.34 0.90
N ARG E 91 -7.21 -3.12 1.05
CA ARG E 91 -6.53 -3.25 2.34
C ARG E 91 -5.02 -3.26 2.15
N THR E 92 -4.48 -2.16 1.64
CA THR E 92 -3.04 -2.01 1.46
C THR E 92 -2.29 -2.10 2.80
N PRO E 93 -1.31 -3.02 2.90
CA PRO E 93 -0.53 -3.10 4.14
C PRO E 93 0.18 -1.79 4.47
N GLY E 94 0.02 -1.32 5.71
CA GLY E 94 0.62 -0.06 6.14
C GLY E 94 -0.38 1.08 6.26
N MET E 95 -1.54 0.92 5.63
CA MET E 95 -2.58 1.95 5.68
C MET E 95 -3.40 1.83 6.96
N ALA F 2 18.62 -13.73 -13.65
CA ALA F 2 17.29 -13.26 -13.30
C ALA F 2 16.51 -14.33 -12.56
N ASP F 3 15.62 -13.90 -11.67
CA ASP F 3 14.76 -14.83 -10.95
C ASP F 3 13.90 -15.63 -11.93
N ALA F 4 13.48 -16.81 -11.51
CA ALA F 4 12.58 -17.61 -12.33
C ALA F 4 11.24 -16.90 -12.44
N LEU F 5 10.46 -17.27 -13.46
CA LEU F 5 9.20 -16.61 -13.75
C LEU F 5 8.04 -17.58 -13.73
N GLY F 6 7.02 -17.28 -12.92
CA GLY F 6 5.81 -18.08 -12.84
C GLY F 6 4.59 -17.25 -13.20
N MET F 7 3.68 -17.83 -13.99
CA MET F 7 2.51 -17.11 -14.47
C MET F 7 1.26 -17.97 -14.50
N ILE F 8 0.16 -17.44 -13.97
CA ILE F 8 -1.14 -18.09 -14.02
C ILE F 8 -2.16 -17.16 -14.67
N GLU F 9 -2.62 -17.52 -15.86
CA GLU F 9 -3.59 -16.74 -16.59
C GLU F 9 -4.98 -17.34 -16.46
N VAL F 10 -5.96 -16.50 -16.15
CA VAL F 10 -7.33 -16.92 -15.92
C VAL F 10 -8.28 -15.91 -16.56
N ARG F 11 -9.32 -16.40 -17.22
CA ARG F 11 -10.38 -15.53 -17.69
C ARG F 11 -11.33 -15.28 -16.53
N GLY F 12 -10.86 -14.49 -15.57
CA GLY F 12 -11.58 -14.24 -14.34
C GLY F 12 -10.65 -13.67 -13.27
N PHE F 13 -11.03 -12.52 -12.74
CA PHE F 13 -10.21 -11.85 -11.73
C PHE F 13 -10.14 -12.66 -10.44
N VAL F 14 -11.26 -13.23 -10.03
CA VAL F 14 -11.35 -13.98 -8.77
C VAL F 14 -10.43 -15.20 -8.76
N GLY F 15 -10.46 -15.97 -9.86
CA GLY F 15 -9.62 -17.14 -9.97
C GLY F 15 -8.15 -16.78 -9.98
N MET F 16 -7.86 -15.61 -10.57
CA MET F 16 -6.50 -15.10 -10.65
C MET F 16 -6.02 -14.66 -9.27
N VAL F 17 -6.92 -14.04 -8.51
CA VAL F 17 -6.61 -13.63 -7.14
C VAL F 17 -6.34 -14.84 -6.25
N GLU F 18 -7.14 -15.90 -6.42
CA GLU F 18 -6.98 -17.13 -5.64
C GLU F 18 -5.69 -17.84 -6.03
N ALA F 19 -5.35 -17.81 -7.31
CA ALA F 19 -4.10 -18.36 -7.79
C ALA F 19 -2.93 -17.66 -7.12
N ALA F 20 -2.98 -16.33 -7.14
CA ALA F 20 -1.93 -15.49 -6.58
C ALA F 20 -1.75 -15.76 -5.09
N ASP F 21 -2.86 -15.87 -4.37
CA ASP F 21 -2.83 -16.10 -2.93
C ASP F 21 -2.18 -17.46 -2.60
N ALA F 22 -2.57 -18.49 -3.34
CA ALA F 22 -2.03 -19.83 -3.13
C ALA F 22 -0.54 -19.87 -3.46
N MET F 23 -0.16 -19.10 -4.47
CA MET F 23 1.24 -19.05 -4.93
C MET F 23 2.20 -18.53 -3.87
N VAL F 24 1.89 -17.36 -3.31
CA VAL F 24 2.78 -16.72 -2.33
C VAL F 24 2.75 -17.44 -0.99
N LYS F 25 1.69 -18.22 -0.76
CA LYS F 25 1.55 -19.01 0.47
C LYS F 25 2.29 -20.32 0.34
N ALA F 26 2.45 -20.80 -0.89
CA ALA F 26 3.01 -22.13 -1.14
C ALA F 26 4.53 -22.14 -1.12
N ALA F 27 5.16 -21.04 -1.52
CA ALA F 27 6.61 -20.99 -1.64
C ALA F 27 7.16 -19.58 -1.48
N LYS F 28 8.49 -19.47 -1.47
CA LYS F 28 9.16 -18.17 -1.33
C LYS F 28 9.21 -17.46 -2.68
N VAL F 29 8.07 -16.89 -3.07
CA VAL F 29 7.97 -16.15 -4.32
C VAL F 29 7.27 -14.82 -4.07
N GLU F 30 7.57 -13.83 -4.90
CA GLU F 30 6.97 -12.51 -4.79
C GLU F 30 5.94 -12.29 -5.88
N LEU F 31 4.70 -12.04 -5.50
CA LEU F 31 3.69 -11.55 -6.42
C LEU F 31 4.04 -10.11 -6.78
N ILE F 32 4.53 -9.90 -8.00
CA ILE F 32 5.03 -8.59 -8.40
C ILE F 32 3.93 -7.70 -8.97
N GLY F 33 2.81 -8.32 -9.36
CA GLY F 33 1.69 -7.59 -9.92
C GLY F 33 0.86 -8.51 -10.78
N TYR F 34 -0.04 -7.93 -11.57
CA TYR F 34 -0.86 -8.68 -12.51
C TYR F 34 -1.07 -7.91 -13.80
N GLU F 35 -1.14 -8.66 -14.91
CA GLU F 35 -1.28 -8.09 -16.24
C GLU F 35 -2.73 -8.17 -16.70
N LYS F 36 -3.23 -7.05 -17.21
CA LYS F 36 -4.59 -6.98 -17.72
C LYS F 36 -4.57 -6.86 -19.25
N THR F 37 -5.15 -7.85 -19.93
CA THR F 37 -5.14 -7.88 -21.38
C THR F 37 -6.55 -7.74 -21.98
N GLY F 38 -7.51 -7.36 -21.15
CA GLY F 38 -8.88 -7.14 -21.60
C GLY F 38 -9.64 -8.43 -21.81
N GLY F 39 -10.92 -8.32 -22.13
CA GLY F 39 -11.76 -9.47 -22.39
C GLY F 39 -11.93 -10.38 -21.19
N GLY F 40 -11.60 -9.86 -20.01
CA GLY F 40 -11.71 -10.63 -18.78
C GLY F 40 -10.43 -11.41 -18.47
N TYR F 41 -9.45 -11.30 -19.37
CA TYR F 41 -8.19 -12.01 -19.20
C TYR F 41 -7.22 -11.21 -18.33
N VAL F 42 -6.71 -11.85 -17.28
CA VAL F 42 -5.70 -11.26 -16.40
C VAL F 42 -4.69 -12.34 -16.02
N THR F 43 -3.45 -11.94 -15.74
CA THR F 43 -2.38 -12.89 -15.42
C THR F 43 -1.64 -12.52 -14.14
N ALA F 44 -1.58 -13.45 -13.20
CA ALA F 44 -0.80 -13.27 -11.98
C ALA F 44 0.64 -13.69 -12.21
N VAL F 45 1.58 -12.84 -11.81
CA VAL F 45 3.01 -13.07 -12.04
C VAL F 45 3.80 -13.13 -10.74
N VAL F 46 4.53 -14.22 -10.53
CA VAL F 46 5.38 -14.37 -9.35
C VAL F 46 6.83 -14.59 -9.74
N ARG F 47 7.76 -14.15 -8.88
CA ARG F 47 9.18 -14.31 -9.14
C ARG F 47 9.90 -14.88 -7.92
N GLY F 48 10.95 -15.66 -8.17
CA GLY F 48 11.74 -16.30 -7.15
C GLY F 48 12.70 -17.28 -7.79
N ASP F 49 13.35 -18.12 -6.98
CA ASP F 49 14.22 -19.16 -7.53
C ASP F 49 13.37 -20.22 -8.21
N VAL F 50 13.99 -20.97 -9.13
CA VAL F 50 13.27 -21.93 -9.96
C VAL F 50 12.48 -22.94 -9.15
N ALA F 51 13.08 -23.46 -8.08
CA ALA F 51 12.42 -24.46 -7.25
C ALA F 51 11.18 -23.90 -6.56
N ALA F 52 11.28 -22.66 -6.09
CA ALA F 52 10.18 -22.03 -5.36
C ALA F 52 9.00 -21.69 -6.26
N VAL F 53 9.28 -21.13 -7.43
CA VAL F 53 8.23 -20.73 -8.35
C VAL F 53 7.49 -21.92 -8.93
N LYS F 54 8.19 -23.04 -9.08
CA LYS F 54 7.55 -24.25 -9.59
C LYS F 54 6.56 -24.80 -8.58
N ALA F 55 6.95 -24.78 -7.31
CA ALA F 55 6.09 -25.25 -6.23
C ALA F 55 4.89 -24.32 -6.08
N ALA F 56 5.13 -23.02 -6.23
CA ALA F 56 4.08 -22.02 -6.12
C ALA F 56 3.09 -22.14 -7.29
N THR F 57 3.65 -22.23 -8.49
CA THR F 57 2.84 -22.27 -9.70
C THR F 57 1.98 -23.53 -9.72
N GLU F 58 2.54 -24.63 -9.24
CA GLU F 58 1.83 -25.90 -9.20
C GLU F 58 0.68 -25.85 -8.21
N ALA F 59 0.90 -25.15 -7.10
CA ALA F 59 -0.13 -24.98 -6.07
C ALA F 59 -1.19 -23.98 -6.52
N GLY F 60 -0.76 -22.95 -7.25
CA GLY F 60 -1.65 -21.93 -7.76
C GLY F 60 -2.63 -22.46 -8.78
N GLN F 61 -2.15 -23.34 -9.67
CA GLN F 61 -3.00 -23.94 -10.69
C GLN F 61 -4.12 -24.77 -10.07
N ARG F 62 -3.77 -25.59 -9.08
CA ARG F 62 -4.74 -26.45 -8.40
C ARG F 62 -5.87 -25.63 -7.77
N ALA F 63 -5.50 -24.54 -7.11
CA ALA F 63 -6.46 -23.70 -6.40
C ALA F 63 -7.32 -22.89 -7.38
N ALA F 64 -6.69 -22.41 -8.44
CA ALA F 64 -7.38 -21.61 -9.44
C ALA F 64 -8.42 -22.45 -10.17
N GLU F 65 -8.08 -23.73 -10.38
CA GLU F 65 -8.97 -24.65 -11.08
C GLU F 65 -10.28 -24.90 -10.34
N ARG F 66 -10.27 -24.69 -9.03
CA ARG F 66 -11.47 -24.87 -8.23
C ARG F 66 -12.43 -23.70 -8.32
N VAL F 67 -11.91 -22.55 -8.77
CA VAL F 67 -12.67 -21.30 -8.72
C VAL F 67 -12.93 -20.65 -10.07
N GLY F 68 -12.03 -20.84 -11.03
CA GLY F 68 -12.13 -20.16 -12.31
C GLY F 68 -11.71 -20.94 -13.54
N GLU F 69 -11.66 -20.24 -14.66
CA GLU F 69 -11.27 -20.80 -15.95
C GLU F 69 -9.80 -20.50 -16.24
N VAL F 70 -8.93 -21.45 -15.94
CA VAL F 70 -7.50 -21.26 -16.16
C VAL F 70 -7.19 -21.31 -17.65
N VAL F 71 -6.50 -20.28 -18.14
CA VAL F 71 -6.15 -20.16 -19.54
C VAL F 71 -4.81 -20.82 -19.83
N ALA F 72 -3.81 -20.44 -19.03
CA ALA F 72 -2.46 -20.96 -19.20
C ALA F 72 -1.71 -20.97 -17.88
N VAL F 73 -0.81 -21.93 -17.75
CA VAL F 73 0.08 -22.03 -16.61
C VAL F 73 1.46 -22.39 -17.13
N HIS F 74 2.47 -21.60 -16.77
CA HIS F 74 3.81 -21.82 -17.29
C HIS F 74 4.87 -21.26 -16.36
N VAL F 75 6.01 -21.93 -16.34
CA VAL F 75 7.18 -21.48 -15.58
C VAL F 75 8.38 -21.37 -16.51
N ILE F 76 9.10 -20.25 -16.40
CA ILE F 76 10.36 -20.07 -17.12
C ILE F 76 11.50 -19.94 -16.10
N PRO F 77 12.29 -21.01 -15.91
CA PRO F 77 13.39 -21.00 -14.94
C PRO F 77 14.43 -19.89 -15.12
N ARG F 78 14.83 -19.63 -16.36
CA ARG F 78 15.90 -18.66 -16.64
C ARG F 78 15.49 -17.67 -17.73
N PRO F 79 14.65 -16.68 -17.39
CA PRO F 79 14.16 -15.71 -18.37
C PRO F 79 15.27 -14.85 -18.99
N HIS F 80 15.18 -14.62 -20.29
CA HIS F 80 16.14 -13.79 -21.00
C HIS F 80 16.02 -12.35 -20.52
N VAL F 81 17.15 -11.63 -20.46
CA VAL F 81 17.16 -10.27 -19.94
C VAL F 81 16.27 -9.32 -20.77
N ASN F 82 16.18 -9.59 -22.06
CA ASN F 82 15.37 -8.76 -22.95
C ASN F 82 13.88 -8.83 -22.59
N VAL F 83 13.46 -10.00 -22.15
CA VAL F 83 12.07 -10.21 -21.73
C VAL F 83 11.74 -9.38 -20.50
N ASP F 84 12.65 -9.40 -19.52
CA ASP F 84 12.46 -8.67 -18.27
C ASP F 84 12.53 -7.16 -18.47
N ALA F 85 13.23 -6.74 -19.52
CA ALA F 85 13.40 -5.32 -19.81
C ALA F 85 12.22 -4.75 -20.58
N ALA F 86 11.68 -5.57 -21.49
CA ALA F 86 10.64 -5.11 -22.41
C ALA F 86 9.22 -5.39 -21.90
N LEU F 87 9.09 -6.38 -21.01
CA LEU F 87 7.79 -6.78 -20.50
C LEU F 87 7.69 -6.52 -19.00
N PRO F 88 6.49 -6.19 -18.50
CA PRO F 88 6.31 -5.86 -17.08
C PRO F 88 6.19 -7.09 -16.17
N LEU F 89 7.30 -7.75 -15.87
CA LEU F 89 7.29 -8.96 -15.06
C LEU F 89 7.94 -8.73 -13.69
N GLY F 90 8.21 -7.47 -13.36
CA GLY F 90 8.60 -7.09 -12.02
C GLY F 90 10.08 -7.22 -11.71
N ARG F 91 10.89 -7.45 -12.74
CA ARG F 91 12.34 -7.58 -12.55
C ARG F 91 13.08 -6.87 -13.67
N THR F 92 12.90 -5.55 -13.74
CA THR F 92 13.59 -4.74 -14.73
C THR F 92 15.11 -4.86 -14.52
N PRO F 93 15.84 -5.26 -15.56
CA PRO F 93 17.30 -5.36 -15.37
C PRO F 93 17.94 -4.03 -14.96
N GLY F 94 18.70 -4.07 -13.86
CA GLY F 94 19.40 -2.89 -13.37
C GLY F 94 18.77 -2.22 -12.16
N MET F 95 17.47 -2.46 -11.91
CA MET F 95 16.81 -1.86 -10.76
C MET F 95 17.02 -2.69 -9.51
N ALA G 2 -22.50 -42.53 -25.06
CA ALA G 2 -22.85 -42.17 -26.43
C ALA G 2 -23.23 -40.69 -26.50
N ASP G 3 -24.51 -40.41 -26.28
CA ASP G 3 -24.99 -39.03 -26.26
C ASP G 3 -24.29 -38.24 -25.17
N ALA G 4 -24.23 -36.93 -25.34
CA ALA G 4 -23.64 -36.08 -24.32
C ALA G 4 -24.47 -36.13 -23.06
N LEU G 5 -23.85 -35.76 -21.94
CA LEU G 5 -24.48 -35.85 -20.63
C LEU G 5 -24.52 -34.48 -19.98
N GLY G 6 -25.72 -34.06 -19.59
CA GLY G 6 -25.94 -32.79 -18.92
C GLY G 6 -26.56 -33.01 -17.55
N MET G 7 -26.06 -32.28 -16.55
CA MET G 7 -26.50 -32.47 -15.17
C MET G 7 -26.63 -31.16 -14.41
N ILE G 8 -27.77 -31.01 -13.71
CA ILE G 8 -28.00 -29.87 -12.82
C ILE G 8 -28.34 -30.40 -11.43
N GLU G 9 -27.45 -30.17 -10.47
CA GLU G 9 -27.65 -30.62 -9.10
C GLU G 9 -28.10 -29.49 -8.19
N VAL G 10 -29.13 -29.75 -7.41
CA VAL G 10 -29.72 -28.74 -6.53
C VAL G 10 -30.06 -29.35 -5.18
N ARG G 11 -29.76 -28.63 -4.10
CA ARG G 11 -30.27 -29.03 -2.79
C ARG G 11 -31.68 -28.45 -2.67
N GLY G 12 -32.61 -29.03 -3.41
CA GLY G 12 -33.97 -28.54 -3.48
C GLY G 12 -34.70 -29.12 -4.68
N PHE G 13 -35.83 -29.77 -4.41
CA PHE G 13 -36.60 -30.41 -5.46
C PHE G 13 -37.19 -29.40 -6.45
N VAL G 14 -37.68 -28.28 -5.93
CA VAL G 14 -38.34 -27.26 -6.75
C VAL G 14 -37.37 -26.68 -7.78
N GLY G 15 -36.16 -26.36 -7.35
CA GLY G 15 -35.16 -25.82 -8.25
C GLY G 15 -34.73 -26.80 -9.32
N MET G 16 -34.71 -28.08 -8.96
CA MET G 16 -34.34 -29.14 -9.90
C MET G 16 -35.42 -29.31 -10.96
N VAL G 17 -36.67 -29.21 -10.56
CA VAL G 17 -37.80 -29.31 -11.47
C VAL G 17 -37.75 -28.18 -12.50
N GLU G 18 -37.40 -26.99 -12.03
CA GLU G 18 -37.29 -25.82 -12.91
C GLU G 18 -36.10 -25.97 -13.86
N ALA G 19 -35.02 -26.54 -13.36
CA ALA G 19 -33.86 -26.85 -14.17
C ALA G 19 -34.26 -27.81 -15.28
N ALA G 20 -34.95 -28.86 -14.88
CA ALA G 20 -35.39 -29.91 -15.80
C ALA G 20 -36.31 -29.37 -16.88
N ASP G 21 -37.27 -28.54 -16.48
CA ASP G 21 -38.25 -27.96 -17.41
C ASP G 21 -37.58 -27.04 -18.41
N ALA G 22 -36.69 -26.19 -17.92
CA ALA G 22 -36.00 -25.24 -18.77
C ALA G 22 -35.07 -25.94 -19.76
N MET G 23 -34.45 -27.04 -19.33
CA MET G 23 -33.52 -27.78 -20.18
C MET G 23 -34.22 -28.38 -21.40
N VAL G 24 -35.32 -29.10 -21.17
CA VAL G 24 -36.02 -29.79 -22.25
C VAL G 24 -36.80 -28.81 -23.15
N LYS G 25 -37.05 -27.61 -22.64
CA LYS G 25 -37.72 -26.58 -23.42
C LYS G 25 -36.73 -25.83 -24.31
N ALA G 26 -35.47 -25.83 -23.89
CA ALA G 26 -34.46 -25.03 -24.56
C ALA G 26 -33.86 -25.74 -25.78
N ALA G 27 -33.80 -27.06 -25.73
CA ALA G 27 -33.14 -27.83 -26.77
C ALA G 27 -33.72 -29.23 -26.92
N LYS G 28 -33.26 -29.93 -27.95
CA LYS G 28 -33.73 -31.28 -28.22
C LYS G 28 -32.96 -32.26 -27.33
N VAL G 29 -33.34 -32.29 -26.06
CA VAL G 29 -32.71 -33.17 -25.08
C VAL G 29 -33.77 -33.91 -24.26
N GLU G 30 -33.41 -35.10 -23.80
CA GLU G 30 -34.31 -35.91 -22.99
C GLU G 30 -33.90 -35.94 -21.52
N LEU G 31 -34.81 -35.48 -20.66
CA LEU G 31 -34.67 -35.69 -19.22
C LEU G 31 -34.88 -37.16 -18.91
N ILE G 32 -33.82 -37.87 -18.54
CA ILE G 32 -33.90 -39.31 -18.36
C ILE G 32 -34.34 -39.70 -16.95
N GLY G 33 -34.24 -38.77 -16.01
CA GLY G 33 -34.62 -39.02 -14.64
C GLY G 33 -33.90 -38.10 -13.68
N TYR G 34 -33.97 -38.41 -12.39
CA TYR G 34 -33.25 -37.64 -11.38
C TYR G 34 -32.72 -38.53 -10.25
N GLU G 35 -31.55 -38.18 -9.75
CA GLU G 35 -30.86 -38.94 -8.71
C GLU G 35 -31.03 -38.28 -7.35
N LYS G 36 -31.44 -39.07 -6.35
CA LYS G 36 -31.57 -38.57 -4.98
C LYS G 36 -30.47 -39.18 -4.11
N THR G 37 -29.63 -38.32 -3.54
CA THR G 37 -28.49 -38.76 -2.74
C THR G 37 -28.64 -38.39 -1.26
N GLY G 38 -29.86 -38.01 -0.88
CA GLY G 38 -30.18 -37.66 0.49
C GLY G 38 -29.72 -36.28 0.88
N GLY G 39 -30.08 -35.86 2.09
CA GLY G 39 -29.70 -34.55 2.60
C GLY G 39 -30.29 -33.40 1.81
N GLY G 40 -31.32 -33.69 1.01
CA GLY G 40 -31.97 -32.69 0.19
C GLY G 40 -31.35 -32.51 -1.19
N TYR G 41 -30.30 -33.28 -1.48
CA TYR G 41 -29.61 -33.20 -2.78
C TYR G 41 -30.31 -33.99 -3.88
N VAL G 42 -30.57 -33.32 -4.99
CA VAL G 42 -31.16 -33.97 -6.16
C VAL G 42 -30.49 -33.48 -7.45
N THR G 43 -30.42 -34.34 -8.45
CA THR G 43 -29.76 -34.02 -9.71
C THR G 43 -30.63 -34.33 -10.91
N ALA G 44 -30.85 -33.33 -11.76
CA ALA G 44 -31.57 -33.53 -13.01
C ALA G 44 -30.59 -34.00 -14.09
N VAL G 45 -30.96 -35.04 -14.82
CA VAL G 45 -30.09 -35.64 -15.83
C VAL G 45 -30.73 -35.57 -17.22
N VAL G 46 -30.01 -34.95 -18.15
CA VAL G 46 -30.47 -34.85 -19.53
C VAL G 46 -29.44 -35.44 -20.49
N ARG G 47 -29.92 -36.00 -21.59
CA ARG G 47 -29.06 -36.60 -22.62
C ARG G 47 -29.47 -36.13 -24.00
N GLY G 48 -28.49 -36.02 -24.88
CA GLY G 48 -28.71 -35.59 -26.25
C GLY G 48 -27.37 -35.33 -26.93
N ASP G 49 -27.41 -34.71 -28.11
CA ASP G 49 -26.17 -34.37 -28.79
C ASP G 49 -25.47 -33.26 -28.01
N VAL G 50 -24.15 -33.17 -28.18
CA VAL G 50 -23.33 -32.22 -27.41
C VAL G 50 -23.82 -30.78 -27.56
N ALA G 51 -24.19 -30.40 -28.78
CA ALA G 51 -24.65 -29.03 -29.03
C ALA G 51 -25.94 -28.76 -28.28
N ALA G 52 -26.82 -29.77 -28.23
CA ALA G 52 -28.12 -29.64 -27.59
C ALA G 52 -27.99 -29.54 -26.06
N VAL G 53 -27.15 -30.38 -25.47
CA VAL G 53 -27.00 -30.42 -24.02
C VAL G 53 -26.37 -29.14 -23.49
N LYS G 54 -25.48 -28.56 -24.29
CA LYS G 54 -24.79 -27.33 -23.89
C LYS G 54 -25.77 -26.16 -23.84
N ALA G 55 -26.65 -26.08 -24.84
CA ALA G 55 -27.65 -25.03 -24.87
C ALA G 55 -28.67 -25.23 -23.75
N ALA G 56 -29.01 -26.49 -23.49
CA ALA G 56 -29.98 -26.84 -22.46
C ALA G 56 -29.46 -26.54 -21.05
N THR G 57 -28.25 -26.99 -20.75
CA THR G 57 -27.69 -26.87 -19.41
C THR G 57 -27.53 -25.41 -18.99
N GLU G 58 -27.12 -24.55 -19.90
CA GLU G 58 -26.94 -23.14 -19.58
C GLU G 58 -28.29 -22.47 -19.29
N ALA G 59 -29.32 -22.92 -20.00
CA ALA G 59 -30.66 -22.41 -19.78
C ALA G 59 -31.21 -23.00 -18.48
N GLY G 60 -30.84 -24.24 -18.19
CA GLY G 60 -31.25 -24.90 -16.96
C GLY G 60 -30.60 -24.28 -15.74
N GLN G 61 -29.30 -24.00 -15.84
CA GLN G 61 -28.56 -23.36 -14.76
C GLN G 61 -29.11 -21.97 -14.48
N ARG G 62 -29.30 -21.22 -15.55
CA ARG G 62 -29.83 -19.87 -15.48
C ARG G 62 -31.23 -19.86 -14.85
N ALA G 63 -32.07 -20.80 -15.24
CA ALA G 63 -33.44 -20.86 -14.73
C ALA G 63 -33.48 -21.40 -13.30
N ALA G 64 -32.65 -22.41 -13.02
CA ALA G 64 -32.62 -23.03 -11.70
C ALA G 64 -32.10 -22.09 -10.62
N GLU G 65 -31.14 -21.26 -10.98
CA GLU G 65 -30.55 -20.32 -10.02
C GLU G 65 -31.55 -19.27 -9.57
N ARG G 66 -32.60 -19.07 -10.37
CA ARG G 66 -33.64 -18.10 -10.07
C ARG G 66 -34.65 -18.63 -9.05
N VAL G 67 -34.65 -19.95 -8.81
CA VAL G 67 -35.66 -20.58 -7.97
C VAL G 67 -35.06 -21.27 -6.75
N GLY G 68 -33.84 -21.79 -6.88
CA GLY G 68 -33.23 -22.57 -5.82
C GLY G 68 -31.74 -22.38 -5.67
N GLU G 69 -31.14 -23.20 -4.81
CA GLU G 69 -29.71 -23.17 -4.55
C GLU G 69 -29.02 -24.24 -5.40
N VAL G 70 -28.48 -23.82 -6.55
CA VAL G 70 -27.79 -24.75 -7.44
C VAL G 70 -26.45 -25.20 -6.87
N VAL G 71 -26.24 -26.50 -6.82
CA VAL G 71 -25.03 -27.07 -6.25
C VAL G 71 -23.94 -27.23 -7.31
N ALA G 72 -24.30 -27.85 -8.43
CA ALA G 72 -23.34 -28.09 -9.51
C ALA G 72 -24.03 -28.13 -10.88
N VAL G 73 -23.29 -27.70 -11.90
CA VAL G 73 -23.72 -27.77 -13.28
C VAL G 73 -22.55 -28.22 -14.14
N HIS G 74 -22.76 -29.26 -14.93
CA HIS G 74 -21.67 -29.84 -15.72
C HIS G 74 -22.16 -30.56 -16.97
N VAL G 75 -21.34 -30.53 -18.01
CA VAL G 75 -21.59 -31.28 -19.24
C VAL G 75 -20.40 -32.17 -19.57
N ILE G 76 -20.70 -33.42 -19.91
CA ILE G 76 -19.70 -34.34 -20.41
C ILE G 76 -20.07 -34.68 -21.85
N PRO G 77 -19.40 -34.04 -22.83
CA PRO G 77 -19.69 -34.25 -24.26
C PRO G 77 -19.60 -35.72 -24.70
N ARG G 78 -18.58 -36.42 -24.23
CA ARG G 78 -18.31 -37.79 -24.66
C ARG G 78 -18.12 -38.70 -23.45
N PRO G 79 -19.22 -39.09 -22.79
CA PRO G 79 -19.13 -39.93 -21.59
C PRO G 79 -18.58 -41.32 -21.90
N HIS G 80 -17.71 -41.81 -21.02
CA HIS G 80 -17.11 -43.12 -21.16
C HIS G 80 -18.17 -44.21 -21.01
N VAL G 81 -18.01 -45.30 -21.76
CA VAL G 81 -18.99 -46.39 -21.76
C VAL G 81 -19.17 -47.00 -20.37
N ASN G 82 -18.09 -47.02 -19.59
CA ASN G 82 -18.13 -47.56 -18.23
C ASN G 82 -19.01 -46.71 -17.31
N VAL G 83 -19.02 -45.41 -17.55
CA VAL G 83 -19.82 -44.48 -16.77
C VAL G 83 -21.30 -44.76 -16.97
N ASP G 84 -21.69 -44.95 -18.22
CA ASP G 84 -23.08 -45.21 -18.57
C ASP G 84 -23.55 -46.59 -18.09
N ALA G 85 -22.60 -47.50 -17.90
CA ALA G 85 -22.94 -48.87 -17.51
C ALA G 85 -23.12 -49.01 -15.99
N ALA G 86 -22.31 -48.29 -15.22
CA ALA G 86 -22.30 -48.43 -13.77
C ALA G 86 -23.20 -47.41 -13.07
N LEU G 87 -23.49 -46.30 -13.76
CA LEU G 87 -24.27 -45.22 -13.17
C LEU G 87 -25.61 -45.07 -13.88
N PRO G 88 -26.66 -44.65 -13.15
CA PRO G 88 -28.00 -44.50 -13.74
C PRO G 88 -28.14 -43.18 -14.51
N LEU G 89 -27.57 -43.12 -15.71
CA LEU G 89 -27.56 -41.88 -16.48
C LEU G 89 -28.40 -41.96 -17.76
N GLY G 90 -29.18 -43.03 -17.89
CA GLY G 90 -30.20 -43.13 -18.92
C GLY G 90 -29.74 -43.61 -20.29
N ARG G 91 -28.51 -44.08 -20.38
CA ARG G 91 -27.99 -44.60 -21.65
C ARG G 91 -27.16 -45.86 -21.42
N THR G 92 -27.81 -46.90 -20.91
CA THR G 92 -27.16 -48.18 -20.68
C THR G 92 -26.64 -48.73 -22.01
N PRO G 93 -25.32 -49.02 -22.08
CA PRO G 93 -24.76 -49.60 -23.32
C PRO G 93 -25.42 -50.93 -23.69
N GLY G 94 -25.85 -51.04 -24.94
CA GLY G 94 -26.51 -52.26 -25.42
C GLY G 94 -28.02 -52.08 -25.55
N MET G 95 -28.55 -51.07 -24.89
CA MET G 95 -29.99 -50.79 -24.95
C MET G 95 -30.33 -49.98 -26.19
N ALA H 2 -5.81 -59.31 -4.65
CA ALA H 2 -6.94 -58.49 -5.07
C ALA H 2 -6.45 -57.23 -5.77
N ASP H 3 -7.24 -56.74 -6.72
CA ASP H 3 -6.91 -55.51 -7.43
C ASP H 3 -6.81 -54.33 -6.48
N ALA H 4 -6.07 -53.31 -6.91
CA ALA H 4 -5.95 -52.09 -6.14
C ALA H 4 -7.31 -51.41 -6.06
N LEU H 5 -7.46 -50.53 -5.07
CA LEU H 5 -8.73 -49.86 -4.82
C LEU H 5 -8.54 -48.36 -4.88
N GLY H 6 -9.32 -47.70 -5.73
CA GLY H 6 -9.30 -46.26 -5.86
C GLY H 6 -10.67 -45.72 -5.52
N MET H 7 -10.70 -44.63 -4.78
CA MET H 7 -11.97 -44.07 -4.30
C MET H 7 -11.97 -42.55 -4.32
N ILE H 8 -13.04 -41.98 -4.88
CA ILE H 8 -13.27 -40.55 -4.88
C ILE H 8 -14.63 -40.27 -4.28
N GLU H 9 -14.64 -39.66 -3.10
CA GLU H 9 -15.87 -39.32 -2.41
C GLU H 9 -16.19 -37.85 -2.57
N VAL H 10 -17.43 -37.56 -2.94
CA VAL H 10 -17.87 -36.21 -3.21
C VAL H 10 -19.24 -35.96 -2.59
N ARG H 11 -19.40 -34.81 -1.94
CA ARG H 11 -20.72 -34.40 -1.49
C ARG H 11 -21.41 -33.74 -2.69
N GLY H 12 -21.78 -34.58 -3.65
CA GLY H 12 -22.34 -34.12 -4.90
C GLY H 12 -22.28 -35.21 -5.96
N PHE H 13 -23.43 -35.55 -6.53
CA PHE H 13 -23.50 -36.60 -7.53
C PHE H 13 -22.77 -36.21 -8.81
N VAL H 14 -22.93 -34.95 -9.22
CA VAL H 14 -22.34 -34.47 -10.47
C VAL H 14 -20.81 -34.52 -10.41
N GLY H 15 -20.23 -34.06 -9.31
CA GLY H 15 -18.79 -34.06 -9.16
C GLY H 15 -18.23 -35.47 -9.10
N MET H 16 -19.01 -36.39 -8.52
CA MET H 16 -18.61 -37.79 -8.42
C MET H 16 -18.64 -38.45 -9.80
N VAL H 17 -19.63 -38.08 -10.61
CA VAL H 17 -19.75 -38.58 -11.98
C VAL H 17 -18.55 -38.13 -12.82
N GLU H 18 -18.15 -36.88 -12.62
CA GLU H 18 -17.01 -36.31 -13.33
C GLU H 18 -15.70 -36.99 -12.90
N ALA H 19 -15.61 -37.31 -11.61
CA ALA H 19 -14.46 -38.05 -11.10
C ALA H 19 -14.39 -39.41 -11.79
N ALA H 20 -15.52 -40.09 -11.82
CA ALA H 20 -15.62 -41.43 -12.41
C ALA H 20 -15.26 -41.43 -13.88
N ASP H 21 -15.74 -40.44 -14.62
CA ASP H 21 -15.47 -40.35 -16.06
C ASP H 21 -13.98 -40.14 -16.33
N ALA H 22 -13.37 -39.23 -15.58
CA ALA H 22 -11.96 -38.93 -15.76
C ALA H 22 -11.08 -40.12 -15.39
N MET H 23 -11.48 -40.86 -14.35
CA MET H 23 -10.70 -41.99 -13.87
C MET H 23 -10.59 -43.11 -14.93
N VAL H 24 -11.73 -43.53 -15.47
CA VAL H 24 -11.76 -44.65 -16.41
C VAL H 24 -11.18 -44.24 -17.77
N LYS H 25 -11.11 -42.94 -18.03
CA LYS H 25 -10.51 -42.42 -19.26
C LYS H 25 -9.00 -42.30 -19.10
N ALA H 26 -8.55 -42.14 -17.85
CA ALA H 26 -7.16 -41.85 -17.57
C ALA H 26 -6.29 -43.11 -17.55
N ALA H 27 -6.88 -44.23 -17.16
CA ALA H 27 -6.11 -45.46 -17.00
C ALA H 27 -6.98 -46.70 -17.19
N LYS H 28 -6.32 -47.85 -17.19
CA LYS H 28 -7.00 -49.13 -17.37
C LYS H 28 -7.61 -49.58 -16.05
N VAL H 29 -8.72 -48.95 -15.69
CA VAL H 29 -9.45 -49.29 -14.46
C VAL H 29 -10.93 -49.45 -14.74
N GLU H 30 -11.60 -50.26 -13.92
CA GLU H 30 -13.03 -50.48 -14.06
C GLU H 30 -13.79 -49.77 -12.96
N LEU H 31 -14.69 -48.86 -13.35
CA LEU H 31 -15.66 -48.30 -12.42
C LEU H 31 -16.66 -49.39 -12.05
N ILE H 32 -16.58 -49.88 -10.82
CA ILE H 32 -17.41 -51.01 -10.39
C ILE H 32 -18.77 -50.56 -9.86
N GLY H 33 -18.90 -49.29 -9.51
CA GLY H 33 -20.15 -48.77 -8.99
C GLY H 33 -19.94 -47.53 -8.14
N TYR H 34 -20.98 -47.14 -7.41
CA TYR H 34 -20.88 -46.00 -6.50
C TYR H 34 -21.67 -46.25 -5.22
N GLU H 35 -21.13 -45.73 -4.12
CA GLU H 35 -21.71 -45.92 -2.79
C GLU H 35 -22.48 -44.67 -2.36
N LYS H 36 -23.71 -44.87 -1.88
CA LYS H 36 -24.54 -43.78 -1.39
C LYS H 36 -24.67 -43.87 0.13
N THR H 37 -24.20 -42.85 0.84
CA THR H 37 -24.22 -42.86 2.30
C THR H 37 -25.13 -41.78 2.88
N GLY H 38 -25.95 -41.15 2.03
CA GLY H 38 -26.89 -40.14 2.47
C GLY H 38 -26.21 -38.81 2.73
N GLY H 39 -27.01 -37.79 3.05
CA GLY H 39 -26.48 -36.47 3.34
C GLY H 39 -25.79 -35.81 2.16
N GLY H 40 -26.03 -36.34 0.96
CA GLY H 40 -25.41 -35.82 -0.24
C GLY H 40 -24.07 -36.45 -0.57
N TYR H 41 -23.62 -37.37 0.29
CA TYR H 41 -22.33 -38.04 0.12
C TYR H 41 -22.40 -39.23 -0.83
N VAL H 42 -21.51 -39.23 -1.84
CA VAL H 42 -21.41 -40.36 -2.78
C VAL H 42 -19.94 -40.63 -3.09
N THR H 43 -19.61 -41.90 -3.37
CA THR H 43 -18.23 -42.32 -3.62
C THR H 43 -18.10 -43.16 -4.89
N ALA H 44 -17.23 -42.73 -5.80
CA ALA H 44 -16.90 -43.51 -7.00
C ALA H 44 -15.77 -44.50 -6.70
N VAL H 45 -15.96 -45.76 -7.09
CA VAL H 45 -14.99 -46.82 -6.80
C VAL H 45 -14.46 -47.47 -8.09
N VAL H 46 -13.14 -47.47 -8.24
CA VAL H 46 -12.50 -48.10 -9.40
C VAL H 46 -11.50 -49.16 -8.96
N ARG H 47 -11.33 -50.17 -9.81
CA ARG H 47 -10.40 -51.27 -9.53
C ARG H 47 -9.50 -51.54 -10.74
N GLY H 48 -8.27 -51.97 -10.46
CA GLY H 48 -7.30 -52.25 -11.51
C GLY H 48 -5.95 -52.51 -10.88
N ASP H 49 -4.89 -52.54 -11.70
CA ASP H 49 -3.55 -52.69 -11.18
C ASP H 49 -3.14 -51.42 -10.43
N VAL H 50 -2.19 -51.54 -9.52
CA VAL H 50 -1.81 -50.42 -8.65
C VAL H 50 -1.40 -49.18 -9.44
N ALA H 51 -0.63 -49.38 -10.51
CA ALA H 51 -0.15 -48.27 -11.31
C ALA H 51 -1.30 -47.55 -12.00
N ALA H 52 -2.27 -48.32 -12.46
CA ALA H 52 -3.43 -47.77 -13.17
C ALA H 52 -4.34 -47.01 -12.21
N VAL H 53 -4.55 -47.57 -11.03
CA VAL H 53 -5.45 -46.97 -10.04
C VAL H 53 -4.85 -45.66 -9.51
N LYS H 54 -3.54 -45.58 -9.46
CA LYS H 54 -2.86 -44.37 -9.01
C LYS H 54 -3.05 -43.26 -10.04
N ALA H 55 -2.86 -43.60 -11.31
CA ALA H 55 -3.00 -42.63 -12.40
C ALA H 55 -4.45 -42.17 -12.56
N ALA H 56 -5.39 -43.10 -12.38
CA ALA H 56 -6.81 -42.76 -12.50
C ALA H 56 -7.23 -41.81 -11.39
N THR H 57 -6.85 -42.16 -10.16
CA THR H 57 -7.29 -41.41 -8.99
C THR H 57 -6.82 -39.96 -9.00
N GLU H 58 -5.58 -39.73 -9.43
CA GLU H 58 -5.04 -38.39 -9.46
C GLU H 58 -5.76 -37.55 -10.52
N ALA H 59 -6.16 -38.20 -11.62
CA ALA H 59 -6.91 -37.52 -12.68
C ALA H 59 -8.36 -37.27 -12.25
N GLY H 60 -8.93 -38.20 -11.49
CA GLY H 60 -10.28 -38.07 -11.00
C GLY H 60 -10.43 -36.93 -10.01
N GLN H 61 -9.46 -36.82 -9.10
CA GLN H 61 -9.44 -35.74 -8.12
C GLN H 61 -9.32 -34.40 -8.81
N ARG H 62 -8.44 -34.32 -9.79
CA ARG H 62 -8.20 -33.09 -10.55
C ARG H 62 -9.48 -32.60 -11.22
N ALA H 63 -10.19 -33.52 -11.86
CA ALA H 63 -11.40 -33.17 -12.62
C ALA H 63 -12.56 -32.86 -11.68
N ALA H 64 -12.69 -33.64 -10.61
CA ALA H 64 -13.78 -33.46 -9.67
C ALA H 64 -13.67 -32.13 -8.92
N GLU H 65 -12.45 -31.72 -8.61
CA GLU H 65 -12.22 -30.48 -7.88
C GLU H 65 -12.67 -29.27 -8.67
N ARG H 66 -12.75 -29.42 -9.99
CA ARG H 66 -13.21 -28.33 -10.85
C ARG H 66 -14.73 -28.19 -10.85
N VAL H 67 -15.43 -29.23 -10.40
CA VAL H 67 -16.88 -29.30 -10.53
C VAL H 67 -17.64 -29.40 -9.21
N GLY H 68 -17.03 -30.03 -8.20
CA GLY H 68 -17.73 -30.29 -6.95
C GLY H 68 -16.91 -30.17 -5.68
N GLU H 69 -17.53 -30.56 -4.57
CA GLU H 69 -16.91 -30.56 -3.26
C GLU H 69 -16.36 -31.95 -2.93
N VAL H 70 -15.08 -32.16 -3.19
CA VAL H 70 -14.44 -33.45 -2.91
C VAL H 70 -14.24 -33.63 -1.41
N VAL H 71 -14.69 -34.76 -0.89
CA VAL H 71 -14.59 -35.05 0.53
C VAL H 71 -13.28 -35.78 0.85
N ALA H 72 -13.02 -36.86 0.11
CA ALA H 72 -11.83 -37.66 0.33
C ALA H 72 -11.36 -38.35 -0.94
N VAL H 73 -10.05 -38.54 -1.04
CA VAL H 73 -9.43 -39.27 -2.14
C VAL H 73 -8.35 -40.18 -1.58
N HIS H 74 -8.43 -41.46 -1.90
CA HIS H 74 -7.49 -42.43 -1.34
C HIS H 74 -7.31 -43.65 -2.23
N VAL H 75 -6.11 -44.21 -2.20
CA VAL H 75 -5.79 -45.44 -2.92
C VAL H 75 -5.25 -46.47 -1.95
N ILE H 76 -5.78 -47.69 -2.06
CA ILE H 76 -5.28 -48.84 -1.33
C ILE H 76 -4.71 -49.83 -2.33
N PRO H 77 -3.38 -49.87 -2.48
CA PRO H 77 -2.74 -50.78 -3.44
C PRO H 77 -3.09 -52.25 -3.24
N ARG H 78 -3.11 -52.71 -1.99
CA ARG H 78 -3.30 -54.13 -1.69
C ARG H 78 -4.40 -54.36 -0.64
N PRO H 79 -5.68 -54.26 -1.05
CA PRO H 79 -6.79 -54.41 -0.11
C PRO H 79 -6.87 -55.80 0.52
N HIS H 80 -7.16 -55.85 1.82
CA HIS H 80 -7.32 -57.12 2.53
C HIS H 80 -8.55 -57.86 2.03
N VAL H 81 -8.48 -59.18 1.98
CA VAL H 81 -9.58 -59.99 1.44
C VAL H 81 -10.87 -59.77 2.24
N ASN H 82 -10.73 -59.51 3.54
CA ASN H 82 -11.87 -59.25 4.41
C ASN H 82 -12.57 -57.96 4.00
N VAL H 83 -11.79 -56.99 3.55
CA VAL H 83 -12.34 -55.72 3.08
C VAL H 83 -13.18 -55.97 1.82
N ASP H 84 -12.66 -56.78 0.92
CA ASP H 84 -13.37 -57.09 -0.31
C ASP H 84 -14.62 -57.93 -0.06
N ALA H 85 -14.65 -58.65 1.06
CA ALA H 85 -15.78 -59.54 1.36
C ALA H 85 -16.98 -58.86 2.03
N ALA H 86 -16.75 -57.90 2.93
CA ALA H 86 -17.83 -57.30 3.70
C ALA H 86 -18.34 -55.99 3.09
N LEU H 87 -17.52 -55.35 2.27
CA LEU H 87 -17.86 -54.05 1.66
C LEU H 87 -18.05 -54.17 0.15
N PRO H 88 -18.91 -53.32 -0.42
CA PRO H 88 -19.20 -53.34 -1.86
C PRO H 88 -18.17 -52.59 -2.72
N LEU H 89 -17.00 -53.19 -2.94
CA LEU H 89 -15.94 -52.54 -3.71
C LEU H 89 -15.72 -53.24 -5.06
N GLY H 90 -16.62 -54.17 -5.40
CA GLY H 90 -16.68 -54.72 -6.74
C GLY H 90 -15.77 -55.89 -7.03
N ARG H 91 -15.13 -56.43 -5.99
CA ARG H 91 -14.23 -57.57 -6.16
C ARG H 91 -14.43 -58.59 -5.05
N THR H 92 -15.62 -59.18 -5.01
CA THR H 92 -15.93 -60.22 -4.04
C THR H 92 -14.99 -61.42 -4.20
N PRO H 93 -14.28 -61.80 -3.12
CA PRO H 93 -13.39 -62.97 -3.19
C PRO H 93 -14.13 -64.26 -3.58
N GLY H 94 -13.60 -64.96 -4.57
CA GLY H 94 -14.21 -66.20 -5.02
C GLY H 94 -14.97 -66.07 -6.32
N MET H 95 -15.33 -64.84 -6.67
CA MET H 95 -16.08 -64.57 -7.89
C MET H 95 -15.16 -64.47 -9.09
#